data_5CPT
#
_entry.id   5CPT
#
_cell.length_a   69.750
_cell.length_b   73.110
_cell.length_c   79.330
_cell.angle_alpha   65.440
_cell.angle_beta   69.480
_cell.angle_gamma   66.850
#
_symmetry.space_group_name_H-M   'P 1'
#
loop_
_entity.id
_entity.type
_entity.pdbx_description
1 polymer '4-alpha-glucanotransferase DPE1, chloroplastic/amyloplastic'
2 branched alpha-D-glucopyranose-(1-4)-beta-D-glucopyranose
3 non-polymer 1,2-ETHANEDIOL
4 water water
#
_entity_poly.entity_id   1
_entity_poly.type   'polypeptide(L)'
_entity_poly.pdbx_seq_one_letter_code
;MHHHHHHGKPIPNPLLGLDSTENLYFQGIDPFTMEVVSSNSTCLSSISVGEDFPSEYEQWLPVPDPESRRRAGVLLHPTS
FRGPHGIGDLGEEAFRFIDWLHSTGCSVWQVLPLVPPDEGGSPYAGQDANCGNTLLISLDELVKDGLLIKDELPQPIDAD
SVNYQTANKLKSPLITKAAKRLIDGNGELKSKLLDFRNDPSISCWLEDAAYFAAIDNTLNAYSWFEWPEPLKNRHLSALE
AIYESQKEFIDLFIAKQFLFQRQWQKVREYARRQGVDIMGDMPIYVGYHSADVWANKKHFLLNKKGFPLLVSGVPPDLFS
ETGQLWGSPLYDWKAMESDQYSWWVNRIRRAQDLYDECRIDHFRGFAGFWAVPSEAKVAMVGRWKVGPGKSLFDAISKGV
GKIKIIAEDLGVITKDVVELRKSIGAPGMAVLQFAFGGGADNPHLPHNHEVNQVVYSGTHDNDTIRGWWDTLDQEEKSKA
MKYLSIAGEDDISWSVIQAAFSSTAQTAIIPMQDILGLGSSARMNTPATEVGNWGWRIPSSTSFDNLETESDRLRDLLSL
YGRL
;
_entity_poly.pdbx_strand_id   A,B
#
# COMPACT_ATOMS: atom_id res chain seq x y z
N SER A 48 -9.62 -16.60 28.36
CA SER A 48 -8.37 -17.35 28.68
C SER A 48 -8.08 -18.58 27.77
N VAL A 49 -6.80 -18.85 27.59
CA VAL A 49 -6.30 -19.81 26.61
C VAL A 49 -6.91 -21.21 26.77
N GLY A 50 -7.46 -21.74 25.68
CA GLY A 50 -8.05 -23.07 25.68
C GLY A 50 -9.54 -23.11 25.98
N GLU A 51 -10.10 -21.99 26.45
CA GLU A 51 -11.50 -21.92 26.86
C GLU A 51 -12.42 -21.58 25.71
N ASP A 52 -13.74 -21.74 25.90
CA ASP A 52 -14.73 -21.42 24.87
C ASP A 52 -14.88 -19.91 24.70
N PHE A 53 -15.07 -19.49 23.45
CA PHE A 53 -15.46 -18.12 23.17
C PHE A 53 -16.96 -18.01 23.39
N PRO A 54 -17.46 -16.77 23.56
CA PRO A 54 -18.91 -16.57 23.47
C PRO A 54 -19.46 -17.00 22.09
N SER A 55 -20.76 -17.26 22.04
CA SER A 55 -21.47 -17.65 20.80
C SER A 55 -21.35 -16.63 19.65
N GLU A 56 -21.00 -15.38 19.97
CA GLU A 56 -20.89 -14.32 18.96
C GLU A 56 -19.50 -14.22 18.27
N TYR A 57 -18.68 -15.28 18.36
CA TYR A 57 -17.33 -15.24 17.81
C TYR A 57 -17.37 -15.20 16.28
N GLU A 58 -18.12 -16.13 15.67
CA GLU A 58 -18.23 -16.18 14.20
C GLU A 58 -18.63 -14.83 13.57
N GLN A 59 -19.42 -14.03 14.28
CA GLN A 59 -19.91 -12.75 13.76
C GLN A 59 -18.94 -11.59 14.01
N TRP A 60 -17.83 -11.86 14.68
CA TRP A 60 -16.88 -10.83 15.10
C TRP A 60 -15.86 -10.51 13.97
N LEU A 61 -16.40 -10.01 12.86
CA LEU A 61 -15.61 -9.74 11.67
C LEU A 61 -14.86 -8.40 11.77
N PRO A 62 -13.78 -8.23 10.98
CA PRO A 62 -13.13 -6.93 10.93
C PRO A 62 -14.02 -5.91 10.21
N VAL A 63 -14.19 -4.76 10.86
CA VAL A 63 -14.94 -3.65 10.30
C VAL A 63 -13.95 -2.69 9.61
N PRO A 64 -14.26 -2.29 8.36
CA PRO A 64 -13.39 -1.26 7.75
C PRO A 64 -13.45 0.06 8.52
N ASP A 65 -12.29 0.67 8.71
CA ASP A 65 -12.19 2.00 9.31
C ASP A 65 -12.74 3.06 8.33
N PRO A 66 -13.78 3.84 8.76
CA PRO A 66 -14.34 4.87 7.88
C PRO A 66 -13.37 5.98 7.48
N GLU A 67 -12.35 6.23 8.28
CA GLU A 67 -11.33 7.24 7.92
C GLU A 67 -10.40 6.73 6.81
N SER A 68 -10.40 5.42 6.56
CA SER A 68 -9.68 4.85 5.43
C SER A 68 -10.46 4.75 4.13
N ARG A 69 -11.62 5.40 4.00
CA ARG A 69 -12.48 5.16 2.85
C ARG A 69 -11.87 5.70 1.55
N ARG A 70 -11.84 4.86 0.52
CA ARG A 70 -11.30 5.25 -0.78
C ARG A 70 -12.23 6.24 -1.42
N ARG A 71 -11.68 7.21 -2.11
CA ARG A 71 -12.53 8.25 -2.73
C ARG A 71 -11.88 8.89 -3.94
N ALA A 72 -12.64 9.72 -4.61
CA ALA A 72 -12.09 10.48 -5.73
C ALA A 72 -12.71 11.85 -5.82
N GLY A 73 -12.07 12.70 -6.62
CA GLY A 73 -12.53 14.04 -6.84
C GLY A 73 -11.94 14.73 -8.04
N VAL A 74 -12.32 15.99 -8.18
CA VAL A 74 -12.03 16.80 -9.33
C VAL A 74 -11.39 18.09 -8.88
N LEU A 75 -10.33 18.48 -9.60
CA LEU A 75 -9.68 19.76 -9.41
C LEU A 75 -10.34 20.74 -10.39
N LEU A 76 -10.91 21.83 -9.85
CA LEU A 76 -11.58 22.86 -10.63
C LEU A 76 -11.64 24.14 -9.82
N HIS A 77 -10.96 25.16 -10.29
CA HIS A 77 -10.96 26.44 -9.61
C HIS A 77 -12.22 27.23 -10.03
N PRO A 78 -12.88 27.91 -9.09
CA PRO A 78 -14.17 28.54 -9.44
C PRO A 78 -14.10 29.62 -10.50
N THR A 79 -12.93 30.22 -10.74
CA THR A 79 -12.80 31.21 -11.82
C THR A 79 -13.10 30.62 -13.19
N SER A 80 -12.90 29.32 -13.30
CA SER A 80 -13.16 28.54 -14.52
C SER A 80 -14.62 28.30 -14.84
N PHE A 81 -15.55 28.58 -13.92
CA PHE A 81 -16.98 28.35 -14.24
C PHE A 81 -17.45 29.27 -15.35
N ARG A 82 -18.45 28.79 -16.10
CA ARG A 82 -19.12 29.60 -17.13
C ARG A 82 -19.91 30.73 -16.49
N GLY A 83 -20.25 31.73 -17.29
CA GLY A 83 -21.04 32.85 -16.82
C GLY A 83 -20.76 34.13 -17.58
N PRO A 84 -21.66 35.10 -17.45
CA PRO A 84 -21.65 36.27 -18.31
C PRO A 84 -20.72 37.41 -17.87
N HIS A 85 -20.07 37.29 -16.71
CA HIS A 85 -19.38 38.45 -16.14
C HIS A 85 -17.89 38.42 -16.17
N GLY A 86 -17.32 37.62 -17.06
CA GLY A 86 -15.89 37.66 -17.33
C GLY A 86 -15.07 36.69 -16.53
N ILE A 87 -15.70 35.98 -15.63
CA ILE A 87 -14.99 35.16 -14.67
C ILE A 87 -16.03 34.29 -14.01
N GLY A 88 -15.65 33.08 -13.62
CA GLY A 88 -16.54 32.24 -12.83
C GLY A 88 -16.78 32.85 -11.47
N ASP A 89 -17.82 32.38 -10.79
CA ASP A 89 -18.16 32.91 -9.48
C ASP A 89 -18.87 31.90 -8.55
N LEU A 90 -19.20 32.32 -7.34
CA LEU A 90 -19.79 31.43 -6.35
C LEU A 90 -21.32 31.29 -6.44
N GLY A 91 -21.87 31.58 -7.61
CA GLY A 91 -23.31 31.50 -7.80
C GLY A 91 -23.73 30.14 -8.31
N GLU A 92 -24.70 30.14 -9.21
CA GLU A 92 -25.43 28.97 -9.62
C GLU A 92 -24.50 27.89 -10.19
N GLU A 93 -23.45 28.30 -10.88
CA GLU A 93 -22.56 27.33 -11.51
C GLU A 93 -21.82 26.49 -10.52
N ALA A 94 -21.48 27.07 -9.37
CA ALA A 94 -20.89 26.29 -8.26
C ALA A 94 -21.82 25.17 -7.73
N PHE A 95 -23.11 25.48 -7.61
CA PHE A 95 -24.06 24.50 -7.09
C PHE A 95 -24.31 23.42 -8.12
N ARG A 96 -24.37 23.85 -9.37
CA ARG A 96 -24.55 22.92 -10.47
C ARG A 96 -23.40 21.97 -10.58
N PHE A 97 -22.20 22.49 -10.39
CA PHE A 97 -21.03 21.65 -10.46
C PHE A 97 -21.04 20.64 -9.30
N ILE A 98 -21.39 21.10 -8.11
CA ILE A 98 -21.53 20.20 -6.97
C ILE A 98 -22.53 19.09 -7.23
N ASP A 99 -23.66 19.43 -7.84
CA ASP A 99 -24.64 18.40 -8.20
C ASP A 99 -24.06 17.40 -9.19
N TRP A 100 -23.35 17.90 -10.19
CA TRP A 100 -22.73 17.05 -11.20
C TRP A 100 -21.68 16.14 -10.55
N LEU A 101 -20.87 16.72 -9.68
CA LEU A 101 -19.82 15.99 -8.95
C LEU A 101 -20.43 14.86 -8.13
N HIS A 102 -21.43 15.20 -7.34
CA HIS A 102 -22.16 14.20 -6.61
C HIS A 102 -22.66 13.09 -7.52
N SER A 103 -23.20 13.44 -8.68
CA SER A 103 -23.77 12.43 -9.55
C SER A 103 -22.74 11.45 -10.07
N THR A 104 -21.46 11.87 -10.16
CA THR A 104 -20.40 10.98 -10.54
C THR A 104 -19.95 10.00 -9.46
N GLY A 105 -20.28 10.26 -8.21
CA GLY A 105 -19.76 9.46 -7.11
C GLY A 105 -18.50 10.05 -6.48
N CYS A 106 -17.91 11.08 -7.09
CA CYS A 106 -16.83 11.80 -6.45
C CYS A 106 -17.27 12.45 -5.16
N SER A 107 -16.36 12.55 -4.21
CA SER A 107 -16.68 13.16 -2.90
C SER A 107 -15.67 14.21 -2.45
N VAL A 108 -14.85 14.68 -3.39
CA VAL A 108 -13.86 15.70 -3.13
C VAL A 108 -13.84 16.71 -4.27
N TRP A 109 -13.85 17.97 -3.92
CA TRP A 109 -13.66 19.05 -4.88
C TRP A 109 -12.42 19.82 -4.41
N GLN A 110 -11.37 19.86 -5.25
CA GLN A 110 -10.15 20.62 -4.91
C GLN A 110 -10.16 21.94 -5.68
N VAL A 111 -9.89 23.02 -4.95
CA VAL A 111 -9.71 24.33 -5.53
C VAL A 111 -8.27 24.79 -5.30
N LEU A 112 -7.89 25.82 -6.02
CA LEU A 112 -6.62 26.52 -5.79
C LEU A 112 -6.88 27.54 -4.70
N PRO A 113 -5.81 28.21 -4.21
CA PRO A 113 -6.05 29.21 -3.18
C PRO A 113 -7.13 30.23 -3.59
N LEU A 114 -8.00 30.58 -2.64
CA LEU A 114 -9.10 31.50 -2.90
C LEU A 114 -8.77 32.95 -2.58
N VAL A 115 -7.49 33.21 -2.35
CA VAL A 115 -6.99 34.57 -2.06
C VAL A 115 -7.11 35.57 -3.24
N PRO A 116 -7.02 36.87 -2.97
CA PRO A 116 -6.95 37.80 -4.10
C PRO A 116 -5.66 37.60 -4.88
N PRO A 117 -5.76 37.32 -6.19
CA PRO A 117 -4.61 36.98 -7.01
C PRO A 117 -3.80 38.18 -7.41
N ASP A 118 -2.64 37.98 -8.03
CA ASP A 118 -1.92 39.12 -8.62
C ASP A 118 -2.58 39.53 -9.92
N GLU A 119 -2.07 40.59 -10.53
CA GLU A 119 -2.64 41.13 -11.76
C GLU A 119 -2.59 40.11 -12.90
N GLY A 120 -1.62 39.21 -12.91
CA GLY A 120 -1.58 38.08 -13.86
C GLY A 120 -2.58 36.96 -13.60
N GLY A 121 -3.37 37.06 -12.52
CA GLY A 121 -4.35 36.02 -12.15
C GLY A 121 -3.88 34.95 -11.16
N SER A 122 -2.59 34.97 -10.79
CA SER A 122 -2.02 33.89 -9.99
C SER A 122 -2.54 33.84 -8.57
N PRO A 123 -3.15 32.70 -8.19
CA PRO A 123 -3.59 32.55 -6.83
C PRO A 123 -2.46 32.27 -5.86
N TYR A 124 -1.22 32.14 -6.35
CA TYR A 124 -0.06 31.78 -5.53
C TYR A 124 0.85 32.93 -5.20
N ALA A 125 0.60 34.10 -5.79
CA ALA A 125 1.36 35.28 -5.46
C ALA A 125 0.32 36.32 -5.10
N GLY A 126 -0.54 35.94 -4.15
CA GLY A 126 -1.66 36.75 -3.74
C GLY A 126 -1.29 38.00 -2.96
N GLN A 127 -2.26 38.89 -2.89
CA GLN A 127 -2.13 40.17 -2.18
C GLN A 127 -2.29 39.98 -0.65
N ASP A 128 -2.89 38.87 -0.24
CA ASP A 128 -3.20 38.59 1.14
C ASP A 128 -3.34 37.09 1.32
N ALA A 129 -2.93 36.57 2.46
CA ALA A 129 -3.02 35.15 2.71
C ALA A 129 -4.38 34.71 3.24
N ASN A 130 -5.18 35.61 3.76
CA ASN A 130 -6.45 35.22 4.40
C ASN A 130 -7.71 35.73 3.76
N CYS A 131 -7.64 36.86 3.07
CA CYS A 131 -8.80 37.39 2.35
C CYS A 131 -9.25 36.50 1.18
N GLY A 132 -10.52 36.64 0.82
CA GLY A 132 -11.07 35.98 -0.34
C GLY A 132 -10.97 36.88 -1.56
N ASN A 133 -10.89 36.26 -2.73
CA ASN A 133 -10.93 36.95 -4.02
C ASN A 133 -12.35 37.50 -4.26
N THR A 134 -12.53 38.80 -4.07
CA THR A 134 -13.86 39.42 -4.17
C THR A 134 -14.44 39.35 -5.59
N LEU A 135 -13.60 39.15 -6.60
CA LEU A 135 -14.10 38.94 -7.93
C LEU A 135 -14.84 37.60 -8.14
N LEU A 136 -14.75 36.69 -7.18
CA LEU A 136 -15.58 35.49 -7.18
C LEU A 136 -16.99 35.70 -6.70
N ILE A 137 -17.27 36.88 -6.16
CA ILE A 137 -18.58 37.18 -5.65
C ILE A 137 -19.57 37.19 -6.82
N SER A 138 -20.70 36.50 -6.61
CA SER A 138 -21.76 36.40 -7.63
C SER A 138 -22.69 37.61 -7.54
N LEU A 139 -22.88 38.31 -8.66
CA LEU A 139 -23.81 39.45 -8.70
C LEU A 139 -25.27 38.98 -8.56
N ASP A 140 -25.61 37.84 -9.12
CA ASP A 140 -26.97 37.34 -9.03
C ASP A 140 -27.32 37.04 -7.57
N GLU A 141 -26.37 36.49 -6.82
CA GLU A 141 -26.60 36.19 -5.41
C GLU A 141 -26.78 37.47 -4.61
N LEU A 142 -26.08 38.53 -5.00
CA LEU A 142 -26.30 39.83 -4.38
C LEU A 142 -27.73 40.37 -4.62
N VAL A 143 -28.27 40.09 -5.81
CA VAL A 143 -29.65 40.46 -6.12
C VAL A 143 -30.56 39.68 -5.19
N LYS A 144 -30.30 38.39 -5.01
CA LYS A 144 -31.13 37.58 -4.11
C LYS A 144 -31.07 38.12 -2.69
N ASP A 145 -29.91 38.65 -2.31
CA ASP A 145 -29.74 39.20 -0.98
C ASP A 145 -30.40 40.59 -0.83
N GLY A 146 -30.89 41.16 -1.93
CA GLY A 146 -31.51 42.48 -1.92
C GLY A 146 -30.51 43.62 -1.93
N LEU A 147 -29.25 43.34 -2.27
CA LEU A 147 -28.23 44.39 -2.28
C LEU A 147 -28.03 44.99 -3.66
N LEU A 148 -28.47 44.29 -4.70
CA LEU A 148 -28.63 44.88 -6.05
C LEU A 148 -30.01 44.55 -6.61
N ILE A 149 -30.39 45.24 -7.69
CA ILE A 149 -31.56 44.84 -8.47
C ILE A 149 -31.15 44.40 -9.89
N LYS A 150 -32.02 43.60 -10.52
CA LYS A 150 -31.72 42.99 -11.83
C LYS A 150 -31.30 44.02 -12.87
N ASP A 151 -31.98 45.17 -12.90
CA ASP A 151 -31.69 46.22 -13.90
C ASP A 151 -30.28 46.81 -13.75
N GLU A 152 -29.62 46.60 -12.62
CA GLU A 152 -28.27 47.12 -12.44
C GLU A 152 -27.22 46.20 -13.01
N LEU A 153 -27.57 44.94 -13.24
CA LEU A 153 -26.63 43.96 -13.79
C LEU A 153 -26.12 44.37 -15.16
N PRO A 154 -24.82 44.19 -15.43
CA PRO A 154 -24.24 44.62 -16.69
C PRO A 154 -24.62 43.72 -17.84
N GLN A 155 -24.45 44.21 -19.06
CA GLN A 155 -24.66 43.38 -20.24
C GLN A 155 -23.61 42.27 -20.21
N PRO A 156 -24.03 41.03 -20.52
CA PRO A 156 -23.07 39.90 -20.60
C PRO A 156 -21.93 40.15 -21.60
N ILE A 157 -20.76 39.55 -21.34
CA ILE A 157 -19.63 39.67 -22.25
C ILE A 157 -19.08 38.28 -22.53
N ASP A 158 -18.54 38.10 -23.73
CA ASP A 158 -17.87 36.86 -24.09
C ASP A 158 -16.50 36.95 -23.47
N ALA A 159 -16.15 35.92 -22.73
CA ALA A 159 -14.81 35.80 -22.21
C ALA A 159 -14.50 34.31 -22.22
N ASP A 160 -13.92 33.85 -23.33
CA ASP A 160 -13.48 32.47 -23.48
C ASP A 160 -12.46 32.14 -22.42
N SER A 161 -11.67 33.14 -22.05
CA SER A 161 -10.75 33.00 -20.95
C SER A 161 -10.93 34.20 -20.01
N VAL A 162 -10.50 34.04 -18.76
CA VAL A 162 -10.64 35.06 -17.74
C VAL A 162 -9.65 36.16 -18.02
N ASN A 163 -10.15 37.37 -18.27
CA ASN A 163 -9.32 38.55 -18.24
C ASN A 163 -9.63 39.30 -16.97
N TYR A 164 -8.65 39.37 -16.09
CA TYR A 164 -8.91 39.93 -14.77
C TYR A 164 -9.22 41.43 -14.80
N GLN A 165 -8.54 42.16 -15.67
CA GLN A 165 -8.80 43.61 -15.80
C GLN A 165 -10.25 43.81 -16.25
N THR A 166 -10.71 43.01 -17.21
CA THR A 166 -12.08 43.12 -17.69
C THR A 166 -13.14 42.75 -16.63
N ALA A 167 -12.92 41.68 -15.89
CA ALA A 167 -13.86 41.29 -14.82
C ALA A 167 -13.95 42.34 -13.70
N ASN A 168 -12.81 42.94 -13.39
CA ASN A 168 -12.74 44.01 -12.39
C ASN A 168 -13.57 45.24 -12.81
N LYS A 169 -13.35 45.71 -14.03
CA LYS A 169 -14.12 46.87 -14.55
C LYS A 169 -15.62 46.57 -14.53
N LEU A 170 -15.99 45.34 -14.84
CA LEU A 170 -17.38 44.98 -14.95
C LEU A 170 -18.00 44.82 -13.57
N LYS A 171 -17.33 44.10 -12.69
CA LYS A 171 -17.98 43.68 -11.44
C LYS A 171 -17.73 44.59 -10.24
N SER A 172 -16.56 45.22 -10.16
CA SER A 172 -16.19 45.94 -8.94
C SER A 172 -17.15 47.03 -8.52
N PRO A 173 -17.55 47.90 -9.47
CA PRO A 173 -18.47 48.95 -9.08
C PRO A 173 -19.75 48.36 -8.48
N LEU A 174 -20.20 47.25 -9.01
CA LEU A 174 -21.45 46.69 -8.51
C LEU A 174 -21.28 46.07 -7.13
N ILE A 175 -20.15 45.40 -6.92
CA ILE A 175 -19.83 44.81 -5.64
C ILE A 175 -19.68 45.92 -4.59
N THR A 176 -19.03 47.00 -4.98
CA THR A 176 -18.88 48.15 -4.11
C THR A 176 -20.22 48.74 -3.70
N LYS A 177 -21.09 48.91 -4.68
CA LYS A 177 -22.42 49.45 -4.45
C LYS A 177 -23.24 48.55 -3.51
N ALA A 178 -23.14 47.25 -3.71
CA ALA A 178 -23.81 46.27 -2.84
C ALA A 178 -23.29 46.38 -1.40
N ALA A 179 -21.98 46.46 -1.28
CA ALA A 179 -21.32 46.62 0.01
C ALA A 179 -21.79 47.89 0.71
N LYS A 180 -21.93 48.96 -0.06
CA LYS A 180 -22.40 50.24 0.47
C LYS A 180 -23.85 50.13 1.00
N ARG A 181 -24.75 49.54 0.21
CA ARG A 181 -26.12 49.31 0.70
C ARG A 181 -26.16 48.45 1.95
N LEU A 182 -25.25 47.47 2.03
CA LEU A 182 -25.19 46.59 3.20
C LEU A 182 -24.81 47.38 4.47
N ILE A 183 -23.80 48.23 4.35
CA ILE A 183 -23.35 49.03 5.47
C ILE A 183 -24.37 50.09 5.89
N ASP A 184 -25.05 50.70 4.92
CA ASP A 184 -26.07 51.71 5.22
C ASP A 184 -27.40 51.14 5.74
N GLY A 185 -27.62 49.83 5.61
CA GLY A 185 -28.89 49.23 6.05
C GLY A 185 -28.95 48.95 7.55
N ASN A 186 -30.15 48.74 8.05
CA ASN A 186 -30.35 48.15 9.37
C ASN A 186 -30.91 46.76 8.98
N GLY A 187 -31.05 45.84 9.93
CA GLY A 187 -31.69 44.54 9.64
C GLY A 187 -30.72 43.36 9.65
N GLU A 188 -31.22 42.20 9.22
CA GLU A 188 -30.57 40.90 9.49
C GLU A 188 -29.18 40.78 8.88
N LEU A 189 -29.06 41.17 7.62
CA LEU A 189 -27.82 41.02 6.90
C LEU A 189 -26.73 41.88 7.54
N LYS A 190 -27.10 43.13 7.86
CA LYS A 190 -26.23 44.04 8.55
C LYS A 190 -25.81 43.46 9.91
N SER A 191 -26.74 42.83 10.59
CA SER A 191 -26.44 42.24 11.88
C SER A 191 -25.40 41.12 11.79
N LYS A 192 -25.41 40.39 10.68
CA LYS A 192 -24.45 39.31 10.47
C LYS A 192 -23.07 39.86 10.09
N LEU A 193 -23.06 40.98 9.38
CA LEU A 193 -21.82 41.70 9.11
C LEU A 193 -21.11 42.04 10.42
N LEU A 194 -21.85 42.57 11.37
CA LEU A 194 -21.29 42.91 12.66
C LEU A 194 -20.73 41.68 13.41
N ASP A 195 -21.48 40.58 13.45
CA ASP A 195 -20.96 39.36 14.08
C ASP A 195 -19.63 38.92 13.46
N PHE A 196 -19.60 38.90 12.13
CA PHE A 196 -18.42 38.60 11.34
C PHE A 196 -17.23 39.52 11.69
N ARG A 197 -17.50 40.81 11.73
CA ARG A 197 -16.49 41.83 12.01
C ARG A 197 -15.92 41.70 13.43
N ASN A 198 -16.81 41.51 14.40
CA ASN A 198 -16.40 41.44 15.80
C ASN A 198 -15.99 40.08 16.26
N ASP A 199 -16.06 39.08 15.38
CA ASP A 199 -15.58 37.75 15.69
C ASP A 199 -14.05 37.80 15.80
N PRO A 200 -13.52 37.45 16.98
CA PRO A 200 -12.07 37.55 17.18
C PRO A 200 -11.25 36.74 16.16
N SER A 201 -11.74 35.58 15.71
CA SER A 201 -10.97 34.77 14.78
C SER A 201 -10.96 35.40 13.39
N ILE A 202 -11.85 36.35 13.13
CA ILE A 202 -11.85 37.11 11.89
C ILE A 202 -10.98 38.35 12.06
N SER A 203 -11.21 39.07 13.16
CA SER A 203 -10.56 40.37 13.35
C SER A 203 -9.04 40.30 13.51
N CYS A 204 -8.50 39.16 13.96
CA CYS A 204 -7.05 39.01 14.09
C CYS A 204 -6.30 39.06 12.75
N TRP A 205 -6.99 38.81 11.63
CA TRP A 205 -6.38 39.09 10.31
C TRP A 205 -7.10 40.18 9.49
N LEU A 206 -8.40 40.33 9.69
CA LEU A 206 -9.22 41.20 8.84
C LEU A 206 -8.94 42.72 9.01
N GLU A 207 -8.79 43.19 10.24
CA GLU A 207 -8.47 44.60 10.44
C GLU A 207 -7.09 44.95 9.79
N ASP A 208 -6.06 44.16 10.05
CA ASP A 208 -4.74 44.42 9.44
C ASP A 208 -4.85 44.49 7.94
N ALA A 209 -5.60 43.53 7.37
CA ALA A 209 -5.73 43.47 5.92
C ALA A 209 -6.43 44.71 5.35
N ALA A 210 -7.47 45.16 6.05
CA ALA A 210 -8.25 46.32 5.63
C ALA A 210 -7.42 47.61 5.68
N TYR A 211 -6.66 47.81 6.75
CA TYR A 211 -5.79 48.99 6.89
C TYR A 211 -4.68 48.96 5.84
N PHE A 212 -4.07 47.79 5.66
CA PHE A 212 -3.03 47.64 4.65
C PHE A 212 -3.59 48.06 3.29
N ALA A 213 -4.77 47.55 2.96
CA ALA A 213 -5.37 47.86 1.67
C ALA A 213 -5.76 49.34 1.57
N ALA A 214 -6.23 49.93 2.66
CA ALA A 214 -6.54 51.36 2.67
C ALA A 214 -5.29 52.19 2.41
N ILE A 215 -4.17 51.84 3.04
CA ILE A 215 -2.95 52.57 2.84
C ILE A 215 -2.44 52.37 1.41
N ASP A 216 -2.47 51.13 0.94
CA ASP A 216 -2.00 50.83 -0.42
C ASP A 216 -2.79 51.58 -1.49
N ASN A 217 -4.10 51.66 -1.26
CA ASN A 217 -4.98 52.44 -2.14
C ASN A 217 -4.65 53.94 -2.10
N THR A 218 -4.46 54.49 -0.90
CA THR A 218 -4.12 55.91 -0.74
C THR A 218 -2.73 56.28 -1.28
N LEU A 219 -1.74 55.40 -1.13
CA LEU A 219 -0.37 55.76 -1.51
C LEU A 219 0.05 55.25 -2.86
N ASN A 220 0.73 56.11 -3.60
CA ASN A 220 1.44 55.71 -4.82
C ASN A 220 2.85 55.26 -4.46
N ALA A 221 3.04 53.95 -4.31
CA ALA A 221 4.34 53.40 -3.92
C ALA A 221 4.48 51.98 -4.37
N TYR A 222 5.69 51.59 -4.75
CA TYR A 222 5.97 50.22 -5.19
C TYR A 222 5.52 49.18 -4.14
N SER A 223 6.01 49.31 -2.92
CA SER A 223 5.66 48.39 -1.83
C SER A 223 5.73 49.14 -0.51
N TRP A 224 5.35 48.47 0.57
CA TRP A 224 5.34 49.13 1.89
C TRP A 224 6.74 49.51 2.35
N PHE A 225 7.78 48.91 1.78
CA PHE A 225 9.16 49.35 2.07
C PHE A 225 9.36 50.85 1.79
N GLU A 226 8.63 51.38 0.81
CA GLU A 226 8.72 52.78 0.39
C GLU A 226 7.72 53.72 1.10
N TRP A 227 6.88 53.18 1.95
CA TRP A 227 5.95 54.00 2.71
C TRP A 227 6.67 54.91 3.68
N PRO A 228 6.10 56.09 3.94
CA PRO A 228 6.65 56.94 5.02
C PRO A 228 6.64 56.22 6.37
N GLU A 229 7.67 56.49 7.15
CA GLU A 229 7.93 55.72 8.34
C GLU A 229 6.73 55.42 9.27
N PRO A 230 5.91 56.41 9.58
CA PRO A 230 4.80 56.10 10.48
C PRO A 230 3.80 55.11 9.95
N LEU A 231 3.57 55.10 8.64
CA LEU A 231 2.74 54.07 8.01
C LEU A 231 3.49 52.77 7.84
N LYS A 232 4.72 52.87 7.39
CA LYS A 232 5.57 51.71 7.21
C LYS A 232 5.64 50.89 8.48
N ASN A 233 5.86 51.56 9.61
CA ASN A 233 6.07 50.88 10.87
C ASN A 233 4.87 50.96 11.81
N ARG A 234 3.70 51.25 11.24
CA ARG A 234 2.44 51.13 11.96
C ARG A 234 2.40 51.89 13.28
N HIS A 235 2.79 53.16 13.26
CA HIS A 235 2.63 53.99 14.47
C HIS A 235 1.15 54.07 14.79
N LEU A 236 0.82 53.99 16.07
CA LEU A 236 -0.58 53.86 16.47
C LEU A 236 -1.38 55.06 16.01
N SER A 237 -0.86 56.26 16.18
CA SER A 237 -1.64 57.43 15.83
C SER A 237 -1.68 57.61 14.30
N ALA A 238 -0.69 57.09 13.57
CA ALA A 238 -0.77 57.01 12.10
C ALA A 238 -1.92 56.10 11.68
N LEU A 239 -2.06 54.95 12.32
CA LEU A 239 -3.17 54.07 12.03
C LEU A 239 -4.54 54.70 12.37
N GLU A 240 -4.65 55.35 13.50
CA GLU A 240 -5.88 56.06 13.83
C GLU A 240 -6.22 57.12 12.78
N ALA A 241 -5.20 57.85 12.31
CA ALA A 241 -5.39 58.85 11.27
C ALA A 241 -5.88 58.19 9.96
N ILE A 242 -5.37 57.01 9.66
CA ILE A 242 -5.84 56.25 8.51
C ILE A 242 -7.30 55.86 8.69
N TYR A 243 -7.69 55.39 9.86
CA TYR A 243 -9.08 55.01 10.04
C TYR A 243 -10.03 56.21 9.82
N GLU A 244 -9.67 57.37 10.35
CA GLU A 244 -10.48 58.55 10.15
C GLU A 244 -10.56 58.93 8.65
N SER A 245 -9.42 59.01 7.97
CA SER A 245 -9.36 59.53 6.62
C SER A 245 -9.78 58.52 5.57
N GLN A 246 -9.61 57.23 5.84
CA GLN A 246 -10.04 56.18 4.90
C GLN A 246 -11.16 55.30 5.50
N LYS A 247 -11.96 55.87 6.41
CA LYS A 247 -13.03 55.09 7.05
C LYS A 247 -13.94 54.37 6.06
N GLU A 248 -14.34 55.05 5.00
CA GLU A 248 -15.27 54.46 4.06
C GLU A 248 -14.64 53.25 3.34
N PHE A 249 -13.42 53.43 2.84
CA PHE A 249 -12.73 52.37 2.15
C PHE A 249 -12.62 51.11 3.02
N ILE A 250 -12.23 51.32 4.27
CA ILE A 250 -12.07 50.24 5.25
C ILE A 250 -13.37 49.50 5.52
N ASP A 251 -14.44 50.24 5.74
CA ASP A 251 -15.73 49.59 6.00
C ASP A 251 -16.20 48.81 4.77
N LEU A 252 -15.91 49.33 3.57
CA LEU A 252 -16.31 48.65 2.34
C LEU A 252 -15.50 47.38 2.10
N PHE A 253 -14.21 47.47 2.34
CA PHE A 253 -13.35 46.31 2.25
C PHE A 253 -13.82 45.20 3.18
N ILE A 254 -14.14 45.56 4.40
CA ILE A 254 -14.62 44.59 5.35
C ILE A 254 -15.94 44.01 4.88
N ALA A 255 -16.84 44.86 4.42
CA ALA A 255 -18.11 44.40 3.89
C ALA A 255 -17.93 43.44 2.73
N LYS A 256 -16.97 43.70 1.87
CA LYS A 256 -16.78 42.82 0.74
C LYS A 256 -16.27 41.45 1.17
N GLN A 257 -15.43 41.44 2.19
CA GLN A 257 -14.97 40.15 2.74
C GLN A 257 -16.09 39.37 3.42
N PHE A 258 -17.01 40.08 4.02
CA PHE A 258 -18.18 39.43 4.57
C PHE A 258 -19.00 38.76 3.46
N LEU A 259 -19.17 39.46 2.34
CA LEU A 259 -19.99 38.96 1.25
C LEU A 259 -19.31 37.75 0.62
N PHE A 260 -18.00 37.81 0.40
CA PHE A 260 -17.28 36.64 -0.03
C PHE A 260 -17.53 35.47 0.92
N GLN A 261 -17.32 35.71 2.21
CA GLN A 261 -17.45 34.69 3.23
C GLN A 261 -18.81 34.05 3.20
N ARG A 262 -19.83 34.88 3.10
CA ARG A 262 -21.19 34.40 3.10
C ARG A 262 -21.46 33.50 1.91
N GLN A 263 -20.99 33.90 0.73
CA GLN A 263 -21.25 33.15 -0.50
C GLN A 263 -20.43 31.86 -0.51
N TRP A 264 -19.20 31.96 -0.04
CA TRP A 264 -18.37 30.76 0.02
C TRP A 264 -18.91 29.75 1.05
N GLN A 265 -19.37 30.22 2.19
CA GLN A 265 -19.90 29.32 3.19
C GLN A 265 -21.16 28.63 2.66
N LYS A 266 -21.94 29.30 1.82
CA LYS A 266 -23.12 28.64 1.25
C LYS A 266 -22.73 27.51 0.29
N VAL A 267 -21.71 27.77 -0.52
CA VAL A 267 -21.19 26.76 -1.41
C VAL A 267 -20.68 25.58 -0.59
N ARG A 268 -19.97 25.90 0.48
CA ARG A 268 -19.39 24.87 1.33
C ARG A 268 -20.44 24.01 2.07
N GLU A 269 -21.48 24.66 2.57
CA GLU A 269 -22.57 23.92 3.23
C GLU A 269 -23.37 23.09 2.24
N TYR A 270 -23.54 23.61 1.03
CA TYR A 270 -24.20 22.83 0.00
C TYR A 270 -23.39 21.59 -0.39
N ALA A 271 -22.08 21.76 -0.56
CA ALA A 271 -21.21 20.63 -0.80
C ALA A 271 -21.34 19.57 0.29
N ARG A 272 -21.25 20.00 1.54
CA ARG A 272 -21.36 19.10 2.66
C ARG A 272 -22.67 18.33 2.60
N ARG A 273 -23.76 19.03 2.27
CA ARG A 273 -25.06 18.36 2.20
C ARG A 273 -25.05 17.32 1.10
N GLN A 274 -24.29 17.53 0.03
CA GLN A 274 -24.19 16.52 -1.05
C GLN A 274 -23.06 15.51 -0.86
N GLY A 275 -22.48 15.44 0.33
CA GLY A 275 -21.34 14.54 0.56
C GLY A 275 -20.02 14.90 -0.15
N VAL A 276 -19.77 16.18 -0.38
CA VAL A 276 -18.53 16.61 -1.01
C VAL A 276 -17.69 17.43 -0.04
N ASP A 277 -16.47 16.96 0.22
CA ASP A 277 -15.49 17.72 0.97
C ASP A 277 -14.78 18.65 0.03
N ILE A 278 -14.37 19.80 0.53
CA ILE A 278 -13.62 20.74 -0.27
C ILE A 278 -12.18 20.80 0.22
N MET A 279 -11.26 20.61 -0.73
CA MET A 279 -9.85 20.62 -0.47
C MET A 279 -9.24 21.87 -1.09
N GLY A 280 -8.51 22.61 -0.27
CA GLY A 280 -7.91 23.88 -0.64
C GLY A 280 -6.42 23.73 -0.84
N ASP A 281 -5.75 24.86 -0.98
CA ASP A 281 -4.32 24.86 -1.20
C ASP A 281 -3.76 26.13 -0.59
N MET A 282 -2.54 26.06 -0.10
CA MET A 282 -1.85 27.26 0.38
C MET A 282 -0.36 27.14 0.11
N PRO A 283 0.23 28.19 -0.47
CA PRO A 283 1.70 28.20 -0.52
C PRO A 283 2.28 28.34 0.88
N ILE A 284 3.40 27.65 1.13
CA ILE A 284 4.04 27.76 2.44
C ILE A 284 4.44 29.21 2.71
N TYR A 285 4.87 29.94 1.69
CA TYR A 285 5.30 31.34 1.86
C TYR A 285 4.25 32.36 1.42
N VAL A 286 4.33 33.56 1.98
CA VAL A 286 3.44 34.65 1.61
C VAL A 286 4.29 35.69 0.94
N GLY A 287 3.68 36.62 0.21
CA GLY A 287 4.42 37.69 -0.45
C GLY A 287 4.83 38.83 0.47
N TYR A 288 5.91 39.52 0.10
CA TYR A 288 6.45 40.64 0.86
C TYR A 288 5.43 41.79 1.04
N HIS A 289 4.84 42.23 -0.07
CA HIS A 289 3.87 43.32 -0.03
C HIS A 289 2.51 42.74 0.33
N SER A 290 2.30 42.54 1.63
CA SER A 290 1.06 42.03 2.17
C SER A 290 0.94 42.44 3.62
N ALA A 291 -0.29 42.46 4.11
CA ALA A 291 -0.57 42.71 5.53
C ALA A 291 0.05 41.64 6.42
N ASP A 292 0.15 40.44 5.89
CA ASP A 292 0.69 39.33 6.63
C ASP A 292 2.10 39.63 7.07
N VAL A 293 2.89 40.27 6.22
CA VAL A 293 4.27 40.62 6.59
C VAL A 293 4.33 41.94 7.32
N TRP A 294 3.69 42.94 6.75
CA TRP A 294 3.70 44.29 7.31
C TRP A 294 3.16 44.35 8.73
N ALA A 295 2.09 43.63 9.03
CA ALA A 295 1.53 43.66 10.38
C ALA A 295 2.23 42.70 11.35
N ASN A 296 3.21 41.93 10.86
CA ASN A 296 3.86 40.92 11.68
C ASN A 296 5.35 40.86 11.41
N LYS A 297 5.97 42.03 11.31
CA LYS A 297 7.39 42.11 10.90
C LYS A 297 8.32 41.18 11.68
N LYS A 298 8.08 41.07 12.99
CA LYS A 298 8.99 40.33 13.87
C LYS A 298 8.99 38.83 13.58
N HIS A 299 7.94 38.34 12.91
CA HIS A 299 7.80 36.92 12.59
C HIS A 299 8.57 36.52 11.31
N PHE A 300 9.18 37.52 10.65
CA PHE A 300 9.91 37.30 9.39
C PHE A 300 11.36 37.75 9.52
N LEU A 301 12.18 37.33 8.57
CA LEU A 301 13.62 37.64 8.59
C LEU A 301 13.90 38.91 7.80
N LEU A 302 13.63 40.02 8.45
CA LEU A 302 13.82 41.34 7.85
C LEU A 302 14.93 42.06 8.60
N ASN A 303 15.60 42.98 7.93
CA ASN A 303 16.57 43.86 8.59
C ASN A 303 15.86 44.96 9.39
N LYS A 304 16.62 45.88 9.97
CA LYS A 304 16.09 47.00 10.78
C LYS A 304 15.23 47.96 9.97
N LYS A 305 15.41 47.99 8.66
CA LYS A 305 14.59 48.82 7.77
C LYS A 305 13.41 48.06 7.20
N GLY A 306 13.19 46.82 7.60
CA GLY A 306 12.09 46.01 7.03
C GLY A 306 12.30 45.37 5.66
N PHE A 307 13.55 45.29 5.23
CA PHE A 307 13.88 44.62 3.97
C PHE A 307 14.32 43.19 4.27
N PRO A 308 13.85 42.22 3.46
CA PRO A 308 14.24 40.84 3.73
C PRO A 308 15.76 40.63 3.74
N LEU A 309 16.25 39.94 4.77
CA LEU A 309 17.65 39.54 4.83
C LEU A 309 17.86 38.41 3.83
N LEU A 310 16.93 37.47 3.85
CA LEU A 310 17.00 36.25 3.05
C LEU A 310 15.63 36.04 2.40
N VAL A 311 15.67 35.54 1.17
CA VAL A 311 14.47 35.20 0.43
C VAL A 311 14.48 33.73 0.00
N SER A 312 13.32 33.26 -0.42
CA SER A 312 13.10 31.84 -0.70
C SER A 312 13.53 31.42 -2.12
N GLY A 313 13.66 30.11 -2.29
CA GLY A 313 13.97 29.47 -3.57
C GLY A 313 14.34 27.99 -3.41
N VAL A 314 14.92 27.42 -4.47
CA VAL A 314 15.53 26.09 -4.42
C VAL A 314 16.77 26.07 -5.29
N PRO A 315 17.77 25.26 -4.92
CA PRO A 315 19.02 25.13 -5.68
C PRO A 315 18.83 24.39 -6.99
N PRO A 316 19.88 24.31 -7.82
CA PRO A 316 19.78 23.45 -9.02
C PRO A 316 19.93 21.98 -8.67
N SER A 320 19.27 20.68 -11.66
CA SER A 320 19.14 20.85 -13.11
C SER A 320 18.94 22.31 -13.54
N GLU A 321 19.92 23.18 -13.24
CA GLU A 321 19.87 24.62 -13.61
C GLU A 321 21.02 25.49 -13.04
N THR A 322 20.80 26.80 -12.99
CA THR A 322 21.59 27.72 -12.17
C THR A 322 20.91 28.03 -10.81
N GLY A 323 19.71 27.48 -10.62
CA GLY A 323 18.94 27.60 -9.36
C GLY A 323 17.50 27.95 -9.67
N GLN A 324 16.69 28.24 -8.64
CA GLN A 324 15.39 28.89 -8.83
C GLN A 324 15.01 29.84 -7.68
N LEU A 325 14.97 31.14 -8.00
CA LEU A 325 14.80 32.21 -7.01
C LEU A 325 13.34 32.66 -6.94
N TRP A 326 12.61 32.27 -5.89
CA TRP A 326 11.21 32.64 -5.74
C TRP A 326 11.09 34.03 -5.18
N GLY A 327 11.92 34.37 -4.20
CA GLY A 327 12.06 35.75 -3.73
C GLY A 327 11.11 36.17 -2.61
N SER A 328 10.41 35.24 -2.02
CA SER A 328 9.56 35.52 -0.87
C SER A 328 10.37 35.69 0.37
N PRO A 329 9.85 36.52 1.28
CA PRO A 329 10.49 36.62 2.58
C PRO A 329 10.35 35.31 3.31
N LEU A 330 11.25 35.08 4.25
CA LEU A 330 11.31 33.83 4.97
C LEU A 330 10.81 34.05 6.38
N TYR A 331 10.32 32.98 7.00
CA TYR A 331 9.86 33.06 8.37
C TYR A 331 11.02 33.10 9.34
N ASP A 332 10.85 33.83 10.43
CA ASP A 332 11.77 33.75 11.55
C ASP A 332 11.20 32.73 12.51
N TRP A 333 11.57 31.47 12.27
CA TRP A 333 10.96 30.39 13.02
C TRP A 333 11.26 30.40 14.52
N LYS A 334 12.45 30.86 14.94
CA LYS A 334 12.71 30.93 16.40
C LYS A 334 11.89 32.04 17.05
N ALA A 335 11.75 33.16 16.36
CA ALA A 335 10.85 34.20 16.81
C ALA A 335 9.41 33.67 16.91
N MET A 336 8.96 32.92 15.90
CA MET A 336 7.62 32.32 15.94
C MET A 336 7.49 31.31 17.08
N GLU A 337 8.53 30.52 17.30
CA GLU A 337 8.57 29.60 18.43
C GLU A 337 8.18 30.30 19.75
N SER A 338 8.62 31.54 19.95
CA SER A 338 8.42 32.26 21.24
C SER A 338 7.00 32.70 21.55
N ASP A 339 6.12 32.79 20.53
CA ASP A 339 4.69 32.99 20.82
C ASP A 339 3.85 31.77 20.39
N GLN A 340 4.47 30.59 20.47
CA GLN A 340 3.79 29.34 20.23
C GLN A 340 3.24 29.22 18.78
N TYR A 341 3.98 29.81 17.83
CA TYR A 341 3.63 29.78 16.41
C TYR A 341 2.24 30.40 16.12
N SER A 342 1.88 31.46 16.84
CA SER A 342 0.50 31.99 16.76
C SER A 342 0.09 32.43 15.35
N TRP A 343 1.05 32.94 14.57
CA TRP A 343 0.78 33.39 13.20
C TRP A 343 0.35 32.20 12.34
N TRP A 344 1.07 31.10 12.45
CA TRP A 344 0.71 29.88 11.71
C TRP A 344 -0.57 29.23 12.21
N VAL A 345 -0.80 29.31 13.50
CA VAL A 345 -2.02 28.79 14.09
C VAL A 345 -3.20 29.56 13.54
N ASN A 346 -3.12 30.89 13.50
CA ASN A 346 -4.21 31.70 12.95
C ASN A 346 -4.42 31.35 11.47
N ARG A 347 -3.32 31.18 10.74
CA ARG A 347 -3.41 30.86 9.32
C ARG A 347 -4.15 29.56 9.06
N ILE A 348 -3.85 28.53 9.85
CA ILE A 348 -4.55 27.26 9.74
C ILE A 348 -6.00 27.40 10.18
N ARG A 349 -6.28 28.23 11.15
CA ARG A 349 -7.64 28.42 11.59
C ARG A 349 -8.47 28.98 10.43
N ARG A 350 -7.90 29.92 9.69
CA ARG A 350 -8.57 30.46 8.53
C ARG A 350 -8.73 29.39 7.41
N ALA A 351 -7.67 28.63 7.14
CA ALA A 351 -7.76 27.49 6.24
C ALA A 351 -8.89 26.50 6.60
N GLN A 352 -9.07 26.23 7.87
CA GLN A 352 -10.17 25.36 8.37
C GLN A 352 -11.53 25.95 8.12
N ASP A 353 -11.58 27.26 8.23
CA ASP A 353 -12.78 27.99 8.00
C ASP A 353 -13.20 27.90 6.54
N LEU A 354 -12.22 27.87 5.65
CA LEU A 354 -12.48 27.81 4.20
C LEU A 354 -12.62 26.42 3.62
N TYR A 355 -11.90 25.45 4.14
CA TYR A 355 -11.78 24.15 3.50
C TYR A 355 -11.86 23.04 4.53
N ASP A 356 -12.29 21.86 4.11
CA ASP A 356 -12.24 20.68 4.93
C ASP A 356 -10.81 20.15 5.02
N GLU A 357 -10.04 20.33 3.98
CA GLU A 357 -8.67 19.78 3.91
C GLU A 357 -7.85 20.76 3.11
N CYS A 358 -6.54 20.73 3.25
CA CYS A 358 -5.75 21.71 2.59
C CYS A 358 -4.35 21.17 2.24
N ARG A 359 -3.96 21.34 0.99
CA ARG A 359 -2.62 21.04 0.59
C ARG A 359 -1.70 22.19 0.95
N ILE A 360 -0.46 21.87 1.28
CA ILE A 360 0.52 22.90 1.53
C ILE A 360 1.62 22.75 0.50
N ASP A 361 1.67 23.70 -0.41
CA ASP A 361 2.66 23.75 -1.46
C ASP A 361 4.07 24.00 -0.83
N HIS A 362 5.03 23.17 -1.21
CA HIS A 362 6.41 23.22 -0.67
C HIS A 362 6.45 22.91 0.81
N PHE A 363 5.76 21.86 1.19
CA PHE A 363 5.74 21.36 2.55
C PHE A 363 7.15 21.08 3.11
N ARG A 364 8.09 20.71 2.24
CA ARG A 364 9.45 20.36 2.66
C ARG A 364 10.10 21.49 3.47
N GLY A 365 9.68 22.73 3.18
CA GLY A 365 10.12 23.89 3.93
C GLY A 365 9.91 23.85 5.41
N PHE A 366 9.00 22.99 5.89
CA PHE A 366 8.82 22.85 7.33
C PHE A 366 9.97 22.07 7.97
N ALA A 367 10.68 21.27 7.18
CA ALA A 367 11.81 20.53 7.71
C ALA A 367 13.14 21.20 7.41
N GLY A 368 13.29 21.72 6.19
CA GLY A 368 14.50 22.44 5.81
C GLY A 368 14.16 23.34 4.64
N PHE A 369 14.73 24.56 4.63
CA PHE A 369 14.42 25.51 3.58
C PHE A 369 15.64 26.18 2.99
N TRP A 370 15.55 26.50 1.71
CA TRP A 370 16.64 27.11 1.02
C TRP A 370 16.53 28.60 1.24
N ALA A 371 17.66 29.22 1.60
CA ALA A 371 17.70 30.63 1.93
C ALA A 371 18.76 31.34 1.08
N VAL A 372 18.29 32.31 0.29
CA VAL A 372 19.14 33.09 -0.60
C VAL A 372 19.28 34.51 -0.04
N PRO A 373 20.50 35.08 -0.09
CA PRO A 373 20.68 36.50 0.26
C PRO A 373 19.79 37.38 -0.62
N SER A 374 19.01 38.27 -0.02
CA SER A 374 18.07 39.11 -0.78
C SER A 374 18.81 39.97 -1.79
N GLU A 375 20.06 40.28 -1.44
CA GLU A 375 21.01 40.97 -2.29
C GLU A 375 21.31 40.25 -3.62
N ALA A 376 20.90 38.98 -3.81
CA ALA A 376 21.34 38.16 -4.97
C ALA A 376 20.38 38.02 -6.17
N LYS A 377 20.97 37.75 -7.33
CA LYS A 377 20.25 37.58 -8.59
C LYS A 377 20.03 36.11 -8.97
N VAL A 378 20.81 35.20 -8.39
CA VAL A 378 20.67 33.75 -8.62
C VAL A 378 20.46 32.98 -7.32
N ALA A 379 19.74 31.86 -7.41
CA ALA A 379 19.42 31.05 -6.24
C ALA A 379 20.55 30.10 -5.81
N MET A 380 21.57 29.90 -6.66
CA MET A 380 22.66 28.96 -6.38
C MET A 380 23.56 29.36 -5.19
N VAL A 381 23.47 30.61 -4.74
CA VAL A 381 24.30 31.14 -3.65
C VAL A 381 23.72 30.99 -2.22
N GLY A 382 22.66 30.23 -2.08
CA GLY A 382 22.02 30.08 -0.77
C GLY A 382 22.58 29.04 0.15
N ARG A 383 21.86 28.79 1.25
CA ARG A 383 22.13 27.63 2.09
C ARG A 383 20.83 27.04 2.67
N TRP A 384 20.91 25.78 3.11
CA TRP A 384 19.80 25.09 3.74
C TRP A 384 19.71 25.43 5.21
N LYS A 385 18.53 25.77 5.68
CA LYS A 385 18.34 26.08 7.09
C LYS A 385 17.35 25.13 7.71
N VAL A 386 17.44 24.95 9.02
CA VAL A 386 16.60 24.02 9.75
C VAL A 386 15.21 24.60 10.02
N GLY A 387 14.20 23.83 9.64
CA GLY A 387 12.84 24.23 9.83
C GLY A 387 12.35 23.81 11.19
N PRO A 388 11.13 24.20 11.53
CA PRO A 388 10.57 23.94 12.85
C PRO A 388 10.14 22.49 13.10
N GLY A 389 9.93 21.69 12.07
CA GLY A 389 9.49 20.31 12.27
C GLY A 389 8.18 20.15 13.03
N LYS A 390 8.04 19.02 13.70
CA LYS A 390 6.78 18.59 14.32
C LYS A 390 6.28 19.55 15.40
N SER A 391 7.18 20.29 16.04
CA SER A 391 6.78 21.21 17.09
C SER A 391 5.77 22.24 16.57
N LEU A 392 5.92 22.66 15.31
CA LEU A 392 4.91 23.52 14.64
C LEU A 392 3.54 22.86 14.63
N PHE A 393 3.50 21.59 14.24
CA PHE A 393 2.25 20.84 14.14
C PHE A 393 1.68 20.47 15.49
N ASP A 394 2.53 20.31 16.48
CA ASP A 394 2.07 20.16 17.87
C ASP A 394 1.34 21.43 18.30
N ALA A 395 1.96 22.57 18.06
CA ALA A 395 1.34 23.85 18.41
C ALA A 395 0.01 24.03 17.68
N ILE A 396 -0.03 23.70 16.40
CA ILE A 396 -1.28 23.79 15.65
C ILE A 396 -2.38 22.89 16.22
N SER A 397 -2.02 21.68 16.62
CA SER A 397 -2.97 20.74 17.18
C SER A 397 -3.56 21.27 18.49
N LYS A 398 -2.70 21.72 19.40
CA LYS A 398 -3.16 22.33 20.65
C LYS A 398 -4.01 23.56 20.34
N GLY A 399 -3.64 24.34 19.34
CA GLY A 399 -4.40 25.53 18.99
C GLY A 399 -5.74 25.31 18.30
N VAL A 400 -5.81 24.34 17.38
CA VAL A 400 -6.92 24.22 16.45
C VAL A 400 -7.62 22.86 16.46
N GLY A 401 -6.99 21.86 17.08
CA GLY A 401 -7.50 20.50 17.05
C GLY A 401 -7.06 19.76 15.82
N LYS A 402 -7.85 18.79 15.41
CA LYS A 402 -7.46 17.91 14.32
C LYS A 402 -7.44 18.70 13.02
N ILE A 403 -6.41 18.47 12.22
CA ILE A 403 -6.32 19.08 10.92
C ILE A 403 -6.16 18.02 9.84
N LYS A 404 -6.50 18.36 8.61
CA LYS A 404 -6.28 17.50 7.45
C LYS A 404 -5.48 18.23 6.38
N ILE A 405 -4.20 17.94 6.38
CA ILE A 405 -3.20 18.57 5.56
C ILE A 405 -2.69 17.54 4.57
N ILE A 406 -2.43 18.00 3.35
CA ILE A 406 -1.78 17.22 2.32
C ILE A 406 -0.39 17.85 2.09
N ALA A 407 0.65 17.05 2.09
CA ALA A 407 2.00 17.54 1.83
C ALA A 407 2.35 17.48 0.34
N GLU A 408 2.57 18.64 -0.29
CA GLU A 408 3.17 18.66 -1.60
C GLU A 408 4.65 18.33 -1.36
N ASP A 409 5.07 17.18 -1.85
CA ASP A 409 6.39 16.60 -1.59
C ASP A 409 7.03 16.11 -2.89
N LEU A 410 6.82 16.82 -3.98
CA LEU A 410 7.38 16.44 -5.27
C LEU A 410 8.86 16.83 -5.38
N GLY A 411 9.49 16.38 -6.46
CA GLY A 411 10.90 16.63 -6.69
C GLY A 411 11.82 15.89 -5.72
N VAL A 412 13.08 16.32 -5.69
CA VAL A 412 14.08 15.74 -4.82
C VAL A 412 13.85 16.21 -3.39
N ILE A 413 13.70 15.30 -2.46
CA ILE A 413 13.46 15.65 -1.08
C ILE A 413 14.30 14.78 -0.17
N THR A 414 14.50 15.27 1.06
CA THR A 414 15.44 14.68 1.98
C THR A 414 14.72 13.83 3.02
N LYS A 415 15.48 12.97 3.70
CA LYS A 415 14.95 12.01 4.66
C LYS A 415 14.10 12.68 5.75
N ASP A 416 14.53 13.84 6.22
CA ASP A 416 13.79 14.57 7.25
C ASP A 416 12.39 15.02 6.78
N VAL A 417 12.26 15.30 5.48
CA VAL A 417 10.96 15.66 4.92
C VAL A 417 9.98 14.49 5.07
N VAL A 418 10.46 13.30 4.72
CA VAL A 418 9.62 12.11 4.75
C VAL A 418 9.21 11.75 6.19
N GLU A 419 10.17 11.84 7.12
CA GLU A 419 9.93 11.56 8.53
C GLU A 419 8.93 12.54 9.13
N LEU A 420 9.08 13.82 8.80
CA LEU A 420 8.13 14.80 9.30
C LEU A 420 6.71 14.51 8.77
N ARG A 421 6.61 14.22 7.47
CA ARG A 421 5.31 13.99 6.87
C ARG A 421 4.66 12.77 7.51
N LYS A 422 5.40 11.69 7.63
CA LYS A 422 4.88 10.50 8.26
C LYS A 422 4.55 10.68 9.75
N SER A 423 5.31 11.52 10.46
CA SER A 423 5.10 11.71 11.91
C SER A 423 3.81 12.46 12.23
N ILE A 424 3.32 13.27 11.31
CA ILE A 424 2.02 13.92 11.53
C ILE A 424 0.90 13.23 10.75
N GLY A 425 1.22 12.15 10.03
CA GLY A 425 0.23 11.36 9.30
C GLY A 425 -0.34 12.04 8.08
N ALA A 426 0.40 12.98 7.49
CA ALA A 426 -0.05 13.64 6.28
C ALA A 426 0.26 12.83 5.01
N PRO A 427 -0.71 12.71 4.11
CA PRO A 427 -0.41 12.06 2.84
C PRO A 427 0.46 12.92 1.95
N GLY A 428 1.26 12.28 1.09
CA GLY A 428 1.99 12.97 0.05
C GLY A 428 1.29 12.82 -1.28
N MET A 429 1.99 13.19 -2.34
CA MET A 429 1.43 13.19 -3.68
C MET A 429 2.06 12.20 -4.61
N ALA A 430 1.28 11.68 -5.55
CA ALA A 430 1.81 11.01 -6.71
C ALA A 430 1.12 11.65 -7.95
N VAL A 431 1.86 11.80 -9.04
CA VAL A 431 1.38 12.44 -10.26
C VAL A 431 1.71 11.52 -11.44
N LEU A 432 0.70 10.90 -12.03
CA LEU A 432 0.95 9.90 -13.06
C LEU A 432 1.79 10.43 -14.23
N GLN A 433 1.66 11.72 -14.55
CA GLN A 433 2.42 12.35 -15.65
C GLN A 433 3.92 12.28 -15.48
N PHE A 434 4.36 12.05 -14.24
CA PHE A 434 5.78 11.98 -13.93
C PHE A 434 6.27 10.56 -13.83
N ALA A 435 5.44 9.58 -14.16
CA ALA A 435 5.73 8.21 -13.78
C ALA A 435 6.58 7.47 -14.78
N PHE A 436 6.82 8.03 -15.96
CA PHE A 436 7.41 7.25 -17.04
C PHE A 436 8.84 7.61 -17.45
N GLY A 437 9.48 8.50 -16.69
CA GLY A 437 10.93 8.69 -16.80
C GLY A 437 11.59 7.74 -15.83
N GLY A 438 12.86 7.47 -16.07
CA GLY A 438 13.61 6.53 -15.24
C GLY A 438 13.00 5.13 -15.19
N GLY A 439 13.35 4.36 -14.18
CA GLY A 439 12.99 2.96 -14.13
C GLY A 439 11.77 2.70 -13.27
N ALA A 440 11.66 1.44 -12.87
CA ALA A 440 10.52 0.92 -12.19
C ALA A 440 10.43 1.32 -10.72
N ASP A 441 11.44 2.00 -10.22
CA ASP A 441 11.45 2.56 -8.87
C ASP A 441 10.87 3.97 -8.81
N ASN A 442 10.44 4.50 -9.95
CA ASN A 442 9.78 5.80 -9.99
C ASN A 442 8.54 5.78 -9.07
N PRO A 443 8.50 6.66 -8.03
CA PRO A 443 7.43 6.62 -7.01
C PRO A 443 6.07 6.99 -7.51
N HIS A 444 6.03 7.60 -8.68
CA HIS A 444 4.75 7.92 -9.32
C HIS A 444 4.08 6.75 -10.06
N LEU A 445 4.80 5.65 -10.32
CA LEU A 445 4.18 4.43 -10.87
C LEU A 445 3.21 3.79 -9.85
N PRO A 446 2.02 3.37 -10.28
CA PRO A 446 1.01 2.82 -9.40
C PRO A 446 1.51 1.73 -8.43
N HIS A 447 2.39 0.84 -8.88
CA HIS A 447 2.87 -0.23 -8.00
C HIS A 447 3.76 0.29 -6.86
N ASN A 448 4.18 1.54 -6.94
CA ASN A 448 4.89 2.20 -5.85
C ASN A 448 4.04 3.15 -5.06
N HIS A 449 2.74 3.26 -5.36
CA HIS A 449 1.90 4.14 -4.53
C HIS A 449 1.72 3.58 -3.13
N GLU A 450 1.37 4.48 -2.22
CA GLU A 450 1.06 4.16 -0.84
C GLU A 450 -0.42 4.44 -0.62
N VAL A 451 -0.98 3.88 0.44
CA VAL A 451 -2.36 4.13 0.74
C VAL A 451 -2.59 5.56 1.19
N ASN A 452 -1.77 6.02 2.14
CA ASN A 452 -1.90 7.37 2.65
C ASN A 452 -1.23 8.36 1.69
N GLN A 453 -1.95 8.66 0.62
CA GLN A 453 -1.44 9.39 -0.50
C GLN A 453 -2.58 9.87 -1.36
N VAL A 454 -2.35 10.98 -2.06
CA VAL A 454 -3.27 11.51 -3.07
C VAL A 454 -2.60 11.35 -4.42
N VAL A 455 -3.26 10.64 -5.31
CA VAL A 455 -2.78 10.50 -6.67
C VAL A 455 -3.54 11.44 -7.59
N TYR A 456 -2.79 12.15 -8.42
CA TYR A 456 -3.28 13.01 -9.50
C TYR A 456 -2.86 12.45 -10.85
N SER A 457 -3.68 12.74 -11.86
CA SER A 457 -3.27 12.50 -13.24
C SER A 457 -2.28 13.60 -13.57
N GLY A 458 -2.62 14.82 -13.16
CA GLY A 458 -1.72 15.98 -13.26
C GLY A 458 -2.27 17.07 -12.39
N THR A 459 -1.47 18.10 -12.11
CA THR A 459 -1.95 19.25 -11.39
C THR A 459 -2.16 20.46 -12.35
N HIS A 460 -2.57 21.56 -11.74
CA HIS A 460 -2.74 22.81 -12.47
C HIS A 460 -1.42 23.32 -13.06
N ASP A 461 -0.28 22.81 -12.57
CA ASP A 461 1.04 23.18 -13.15
C ASP A 461 1.47 22.35 -14.37
N ASN A 462 0.71 21.30 -14.69
CA ASN A 462 1.05 20.36 -15.78
C ASN A 462 0.13 20.61 -16.97
N ASP A 463 0.55 20.18 -18.15
CA ASP A 463 -0.36 20.17 -19.30
C ASP A 463 -1.50 19.21 -19.01
N THR A 464 -2.55 19.27 -19.80
CA THR A 464 -3.59 18.25 -19.75
C THR A 464 -2.93 16.94 -20.16
N ILE A 465 -3.56 15.82 -19.82
CA ILE A 465 -3.05 14.52 -20.24
C ILE A 465 -2.92 14.45 -21.75
N ARG A 466 -3.94 14.89 -22.47
CA ARG A 466 -3.85 14.90 -23.94
C ARG A 466 -2.69 15.75 -24.44
N GLY A 467 -2.50 16.92 -23.84
CA GLY A 467 -1.38 17.80 -24.26
C GLY A 467 -0.04 17.15 -23.98
N TRP A 468 0.05 16.56 -22.80
CA TRP A 468 1.24 15.87 -22.31
C TRP A 468 1.55 14.71 -23.22
N TRP A 469 0.54 13.92 -23.56
CA TRP A 469 0.70 12.76 -24.45
C TRP A 469 1.29 13.15 -25.78
N ASP A 470 0.80 14.27 -26.29
CA ASP A 470 1.17 14.75 -27.60
C ASP A 470 2.62 15.19 -27.72
N THR A 471 3.23 15.59 -26.62
CA THR A 471 4.61 16.09 -26.64
C THR A 471 5.54 15.08 -25.97
N LEU A 472 5.00 13.91 -25.64
CA LEU A 472 5.75 12.93 -24.92
C LEU A 472 6.81 12.29 -25.81
N ASP A 473 8.02 12.18 -25.25
CA ASP A 473 9.16 11.63 -25.95
C ASP A 473 8.89 10.17 -26.19
N GLN A 474 9.23 9.68 -27.39
CA GLN A 474 9.10 8.27 -27.66
C GLN A 474 9.98 7.68 -26.54
N GLU A 475 9.71 6.47 -26.09
CA GLU A 475 10.54 5.88 -25.03
C GLU A 475 9.85 6.09 -23.70
N GLU A 476 9.52 7.33 -23.34
CA GLU A 476 8.56 7.55 -22.24
C GLU A 476 7.19 7.06 -22.71
N LYS A 477 6.84 7.34 -23.96
CA LYS A 477 5.56 6.89 -24.49
C LYS A 477 5.40 5.36 -24.58
N SER A 478 6.42 4.67 -25.06
CA SER A 478 6.38 3.20 -25.10
C SER A 478 6.33 2.59 -23.70
N LYS A 479 7.05 3.18 -22.74
CA LYS A 479 6.92 2.80 -21.32
C LYS A 479 5.45 2.87 -20.90
N ALA A 480 4.82 4.03 -21.12
CA ALA A 480 3.43 4.27 -20.73
C ALA A 480 2.48 3.27 -21.35
N MET A 481 2.71 2.97 -22.62
CA MET A 481 1.85 2.03 -23.35
C MET A 481 1.84 0.65 -22.71
N LYS A 482 2.98 0.24 -22.18
CA LYS A 482 3.10 -1.01 -21.46
C LYS A 482 2.41 -1.02 -20.11
N TYR A 483 2.42 0.10 -19.41
CA TYR A 483 1.85 0.13 -18.10
CA TYR A 483 1.84 0.16 -18.07
C TYR A 483 0.36 0.47 -18.12
N LEU A 484 -0.05 1.29 -19.08
CA LEU A 484 -1.43 1.75 -19.09
C LEU A 484 -2.26 0.90 -20.02
N SER A 485 -3.55 0.88 -19.76
CA SER A 485 -4.53 0.25 -20.64
C SER A 485 -5.14 1.31 -21.59
N ILE A 486 -4.69 1.31 -22.82
CA ILE A 486 -5.01 2.41 -23.71
C ILE A 486 -5.90 1.89 -24.82
N ALA A 487 -7.01 2.58 -25.08
CA ALA A 487 -7.89 2.24 -26.16
C ALA A 487 -7.51 3.17 -27.32
N GLY A 488 -8.37 4.11 -27.73
CA GLY A 488 -8.01 5.11 -28.74
C GLY A 488 -7.20 6.21 -28.07
N GLU A 489 -6.27 6.80 -28.81
CA GLU A 489 -5.43 7.88 -28.28
C GLU A 489 -6.25 9.15 -27.97
N ASP A 490 -7.40 9.31 -28.63
CA ASP A 490 -8.35 10.37 -28.24
C ASP A 490 -8.70 10.29 -26.76
N ASP A 491 -8.83 9.08 -26.22
CA ASP A 491 -9.28 8.87 -24.86
C ASP A 491 -8.15 8.61 -23.92
N ILE A 492 -6.96 9.03 -24.30
CA ILE A 492 -5.76 8.87 -23.48
C ILE A 492 -5.99 9.40 -22.07
N SER A 493 -6.75 10.48 -21.93
CA SER A 493 -7.01 11.00 -20.60
C SER A 493 -7.82 10.00 -19.75
N TRP A 494 -8.74 9.24 -20.35
CA TRP A 494 -9.46 8.23 -19.59
C TRP A 494 -8.57 7.06 -19.16
N SER A 495 -7.54 6.77 -19.94
CA SER A 495 -6.60 5.72 -19.57
C SER A 495 -5.85 6.12 -18.33
N VAL A 496 -5.46 7.38 -18.27
CA VAL A 496 -4.70 7.84 -17.13
C VAL A 496 -5.62 7.94 -15.93
N ILE A 497 -6.85 8.39 -16.16
CA ILE A 497 -7.84 8.48 -15.07
C ILE A 497 -8.05 7.11 -14.45
N GLN A 498 -8.20 6.10 -15.30
CA GLN A 498 -8.43 4.75 -14.84
C GLN A 498 -7.27 4.27 -14.00
N ALA A 499 -6.04 4.55 -14.44
CA ALA A 499 -4.88 4.18 -13.65
C ALA A 499 -4.90 4.88 -12.30
N ALA A 500 -5.20 6.17 -12.29
CA ALA A 500 -5.30 6.87 -11.04
C ALA A 500 -6.34 6.18 -10.14
N PHE A 501 -7.53 5.89 -10.66
CA PHE A 501 -8.55 5.26 -9.84
C PHE A 501 -8.17 3.85 -9.38
N SER A 502 -7.39 3.11 -10.17
CA SER A 502 -7.04 1.72 -9.80
C SER A 502 -5.93 1.68 -8.75
N SER A 503 -5.37 2.83 -8.40
CA SER A 503 -4.33 2.88 -7.38
C SER A 503 -4.83 2.49 -5.98
N THR A 504 -3.88 2.09 -5.14
CA THR A 504 -4.08 1.90 -3.73
C THR A 504 -4.14 3.22 -2.97
N ALA A 505 -3.73 4.31 -3.59
CA ALA A 505 -3.87 5.60 -2.93
C ALA A 505 -5.30 5.84 -2.54
N GLN A 506 -5.50 6.38 -1.34
CA GLN A 506 -6.84 6.55 -0.80
C GLN A 506 -7.68 7.59 -1.56
N THR A 507 -7.00 8.58 -2.10
CA THR A 507 -7.65 9.69 -2.77
C THR A 507 -7.09 9.86 -4.17
N ALA A 508 -7.96 9.88 -5.16
CA ALA A 508 -7.59 10.20 -6.55
C ALA A 508 -8.27 11.50 -7.02
N ILE A 509 -7.47 12.43 -7.53
CA ILE A 509 -7.98 13.73 -7.99
C ILE A 509 -7.65 13.95 -9.46
N ILE A 510 -8.65 14.35 -10.23
CA ILE A 510 -8.53 14.54 -11.69
C ILE A 510 -8.92 15.99 -12.04
N PRO A 511 -8.05 16.74 -12.74
CA PRO A 511 -8.46 18.05 -13.26
C PRO A 511 -9.67 17.94 -14.21
N MET A 512 -10.53 18.95 -14.21
CA MET A 512 -11.72 18.96 -15.05
C MET A 512 -11.31 18.92 -16.53
N GLN A 513 -10.21 19.59 -16.88
CA GLN A 513 -9.73 19.55 -18.25
C GLN A 513 -9.59 18.13 -18.78
N ASP A 514 -9.13 17.21 -17.94
CA ASP A 514 -8.94 15.81 -18.35
C ASP A 514 -10.27 15.04 -18.47
N ILE A 515 -11.20 15.31 -17.57
CA ILE A 515 -12.52 14.73 -17.71
C ILE A 515 -13.16 15.17 -19.01
N LEU A 516 -12.86 16.38 -19.44
CA LEU A 516 -13.39 16.90 -20.71
C LEU A 516 -12.54 16.52 -21.90
N GLY A 517 -11.43 15.83 -21.69
CA GLY A 517 -10.56 15.38 -22.77
C GLY A 517 -9.98 16.51 -23.60
N LEU A 518 -9.55 17.59 -22.94
CA LEU A 518 -9.08 18.76 -23.66
C LEU A 518 -7.56 18.74 -23.86
N GLY A 519 -7.11 19.51 -24.84
CA GLY A 519 -5.70 19.62 -25.20
C GLY A 519 -4.97 20.73 -24.48
N SER A 520 -3.78 21.07 -24.99
CA SER A 520 -2.85 21.99 -24.34
C SER A 520 -3.37 23.37 -24.10
N SER A 521 -4.30 23.82 -24.92
CA SER A 521 -4.82 25.17 -24.73
C SER A 521 -5.63 25.32 -23.43
N ALA A 522 -6.02 24.21 -22.82
CA ALA A 522 -6.75 24.26 -21.57
C ALA A 522 -5.83 24.14 -20.36
N ARG A 523 -4.54 24.18 -20.58
CA ARG A 523 -3.61 24.11 -19.48
C ARG A 523 -3.80 25.30 -18.56
N MET A 524 -3.79 25.09 -17.26
CA MET A 524 -4.04 26.19 -16.34
C MET A 524 -2.81 27.08 -16.17
N ASN A 525 -1.67 26.48 -15.91
CA ASN A 525 -0.46 27.23 -15.71
C ASN A 525 0.78 26.52 -16.26
N THR A 526 1.73 27.29 -16.76
CA THR A 526 3.02 26.82 -17.24
C THR A 526 4.03 27.53 -16.35
N PRO A 527 4.67 26.80 -15.42
CA PRO A 527 5.56 27.48 -14.48
C PRO A 527 6.67 28.27 -15.15
N ALA A 528 7.09 29.32 -14.46
CA ALA A 528 8.11 30.22 -14.94
C ALA A 528 7.73 31.01 -16.18
N THR A 529 6.45 31.08 -16.50
CA THR A 529 5.99 32.06 -17.50
C THR A 529 5.19 33.16 -16.79
N GLU A 530 5.29 34.38 -17.27
CA GLU A 530 4.70 35.52 -16.57
C GLU A 530 3.38 35.97 -17.19
N VAL A 531 2.95 35.34 -18.28
CA VAL A 531 1.79 35.80 -19.04
C VAL A 531 1.00 34.61 -19.58
N GLY A 532 -0.32 34.76 -19.65
CA GLY A 532 -1.20 33.74 -20.24
C GLY A 532 -1.59 32.58 -19.34
N ASN A 533 -1.48 32.73 -18.04
CA ASN A 533 -1.85 31.69 -17.10
C ASN A 533 -3.10 31.98 -16.31
N TRP A 534 -3.68 30.95 -15.74
CA TRP A 534 -4.80 31.08 -14.82
C TRP A 534 -6.11 31.49 -15.50
N GLY A 535 -6.11 31.50 -16.83
CA GLY A 535 -7.27 31.97 -17.57
C GLY A 535 -8.32 30.96 -18.00
N TRP A 536 -8.06 29.67 -17.91
CA TRP A 536 -8.98 28.68 -18.46
C TRP A 536 -10.42 28.72 -17.90
N ARG A 537 -11.40 28.66 -18.78
CA ARG A 537 -12.77 28.48 -18.39
C ARG A 537 -13.39 27.32 -19.13
N ILE A 538 -14.33 26.65 -18.46
CA ILE A 538 -15.14 25.65 -19.10
C ILE A 538 -15.71 26.30 -20.36
N PRO A 539 -15.58 25.64 -21.51
CA PRO A 539 -16.21 26.20 -22.72
C PRO A 539 -17.69 26.52 -22.52
N SER A 540 -18.13 27.64 -23.08
CA SER A 540 -19.49 28.15 -22.87
C SER A 540 -20.57 27.17 -23.31
N SER A 541 -20.17 26.27 -24.23
CA SER A 541 -21.04 25.21 -24.74
C SER A 541 -21.30 24.06 -23.76
N THR A 542 -20.29 23.72 -22.96
CA THR A 542 -20.34 22.55 -22.11
C THR A 542 -21.03 22.91 -20.80
N SER A 543 -22.24 22.42 -20.59
CA SER A 543 -22.94 22.67 -19.35
C SER A 543 -22.95 21.38 -18.54
N PHE A 544 -23.19 21.48 -17.23
CA PHE A 544 -23.22 20.27 -16.41
C PHE A 544 -24.41 19.35 -16.70
N ASP A 545 -25.44 19.88 -17.37
CA ASP A 545 -26.51 19.07 -17.96
C ASP A 545 -26.08 18.22 -19.16
N ASN A 546 -24.89 18.48 -19.69
CA ASN A 546 -24.44 17.84 -20.92
C ASN A 546 -23.27 16.95 -20.69
N LEU A 547 -23.12 16.44 -19.47
CA LEU A 547 -22.01 15.57 -19.17
C LEU A 547 -22.46 14.28 -18.50
N GLU A 548 -23.63 13.77 -18.90
CA GLU A 548 -24.16 12.49 -18.40
C GLU A 548 -23.23 11.33 -18.77
N THR A 549 -22.69 11.34 -19.98
CA THR A 549 -21.80 10.29 -20.43
C THR A 549 -20.53 10.28 -19.61
N GLU A 550 -20.01 11.46 -19.36
CA GLU A 550 -18.80 11.60 -18.57
C GLU A 550 -19.10 11.18 -17.15
N SER A 551 -20.26 11.55 -16.65
CA SER A 551 -20.63 11.20 -15.30
C SER A 551 -20.74 9.69 -15.14
N ASP A 552 -21.42 9.05 -16.08
CA ASP A 552 -21.58 7.59 -16.07
C ASP A 552 -20.25 6.86 -16.15
N ARG A 553 -19.39 7.36 -17.01
CA ARG A 553 -18.13 6.72 -17.20
C ARG A 553 -17.28 6.80 -15.93
N LEU A 554 -17.31 7.94 -15.26
CA LEU A 554 -16.61 8.08 -13.98
C LEU A 554 -17.19 7.18 -12.94
N ARG A 555 -18.50 7.21 -12.78
CA ARG A 555 -19.16 6.35 -11.80
C ARG A 555 -18.81 4.87 -12.01
N ASP A 556 -18.82 4.41 -13.24
CA ASP A 556 -18.47 3.02 -13.49
C ASP A 556 -17.05 2.70 -13.03
N LEU A 557 -16.10 3.58 -13.30
CA LEU A 557 -14.75 3.40 -12.85
C LEU A 557 -14.63 3.45 -11.31
N LEU A 558 -15.30 4.42 -10.68
CA LEU A 558 -15.25 4.50 -9.22
C LEU A 558 -15.88 3.26 -8.59
N SER A 559 -16.92 2.75 -9.22
CA SER A 559 -17.56 1.57 -8.75
C SER A 559 -16.59 0.37 -8.82
N LEU A 560 -15.89 0.24 -9.93
CA LEU A 560 -15.01 -0.88 -10.17
C LEU A 560 -13.84 -0.89 -9.18
N TYR A 561 -13.30 0.28 -8.87
CA TYR A 561 -12.13 0.36 -8.01
C TYR A 561 -12.45 0.77 -6.58
N GLY A 562 -13.71 0.60 -6.19
CA GLY A 562 -14.08 0.77 -4.80
C GLY A 562 -13.96 2.16 -4.23
N ARG A 563 -14.15 3.20 -5.05
CA ARG A 563 -14.10 4.58 -4.60
C ARG A 563 -15.47 5.28 -4.44
N LEU A 564 -16.56 4.52 -4.44
CA LEU A 564 -17.89 5.06 -4.21
C LEU A 564 -18.34 4.89 -2.74
N SER B 48 19.15 23.17 16.13
CA SER B 48 18.37 24.41 16.47
C SER B 48 17.65 24.99 15.23
N VAL B 49 16.38 25.35 15.44
CA VAL B 49 15.52 25.93 14.40
C VAL B 49 16.07 27.25 13.82
N GLY B 50 16.19 27.31 12.50
CA GLY B 50 16.64 28.52 11.82
C GLY B 50 18.12 28.59 11.59
N GLU B 51 18.87 27.66 12.19
CA GLU B 51 20.33 27.59 12.02
C GLU B 51 20.67 26.82 10.76
N ASP B 52 21.93 26.89 10.32
CA ASP B 52 22.36 26.21 9.10
C ASP B 52 22.47 24.71 9.30
N PHE B 53 22.13 23.94 8.26
CA PHE B 53 22.39 22.52 8.24
C PHE B 53 23.87 22.35 7.88
N PRO B 54 24.44 21.17 8.18
CA PRO B 54 25.73 20.83 7.58
C PRO B 54 25.68 20.83 6.04
N SER B 55 26.84 20.98 5.41
CA SER B 55 26.95 20.97 3.94
C SER B 55 26.43 19.67 3.27
N GLU B 56 26.30 18.58 4.03
CA GLU B 56 25.86 17.29 3.48
C GLU B 56 24.32 17.11 3.45
N TYR B 57 23.56 18.20 3.54
CA TYR B 57 22.08 18.12 3.59
C TYR B 57 21.51 17.68 2.23
N GLU B 58 21.94 18.33 1.16
CA GLU B 58 21.48 17.99 -0.19
C GLU B 58 21.64 16.49 -0.54
N GLN B 59 22.69 15.85 0.00
CA GLN B 59 22.99 14.44 -0.31
C GLN B 59 22.24 13.47 0.61
N TRP B 60 21.46 14.00 1.56
CA TRP B 60 20.79 13.21 2.59
C TRP B 60 19.44 12.63 2.10
N LEU B 61 19.52 11.82 1.04
CA LEU B 61 18.34 11.28 0.38
C LEU B 61 17.74 10.08 1.12
N PRO B 62 16.44 9.80 0.90
CA PRO B 62 15.83 8.59 1.48
C PRO B 62 16.37 7.34 0.80
N VAL B 63 16.82 6.40 1.62
CA VAL B 63 17.31 5.11 1.13
C VAL B 63 16.21 4.09 1.20
N PRO B 64 15.98 3.36 0.09
CA PRO B 64 15.04 2.24 0.21
C PRO B 64 15.53 1.20 1.23
N ASP B 65 14.61 0.76 2.08
CA ASP B 65 14.85 -0.28 3.05
C ASP B 65 14.97 -1.64 2.32
N PRO B 66 16.12 -2.35 2.47
CA PRO B 66 16.29 -3.65 1.79
C PRO B 66 15.29 -4.71 2.23
N GLU B 67 14.74 -4.60 3.42
CA GLU B 67 13.73 -5.57 3.86
C GLU B 67 12.38 -5.35 3.15
N SER B 68 12.20 -4.19 2.53
CA SER B 68 11.02 -3.92 1.72
C SER B 68 11.14 -4.27 0.22
N ARG B 69 12.16 -5.02 -0.20
CA ARG B 69 12.38 -5.20 -1.65
C ARG B 69 11.27 -6.01 -2.32
N ARG B 70 10.73 -5.50 -3.42
CA ARG B 70 9.71 -6.21 -4.16
C ARG B 70 10.32 -7.41 -4.86
N ARG B 71 9.59 -8.51 -4.90
CA ARG B 71 10.14 -9.72 -5.49
C ARG B 71 9.08 -10.65 -6.01
N ALA B 72 9.53 -11.68 -6.69
CA ALA B 72 8.62 -12.67 -7.18
C ALA B 72 9.22 -14.03 -7.16
N GLY B 73 8.35 -15.03 -7.27
CA GLY B 73 8.79 -16.40 -7.27
C GLY B 73 7.79 -17.38 -7.84
N VAL B 74 8.19 -18.64 -7.77
CA VAL B 74 7.48 -19.75 -8.35
C VAL B 74 7.21 -20.80 -7.29
N LEU B 75 6.00 -21.32 -7.27
CA LEU B 75 5.59 -22.44 -6.45
C LEU B 75 5.83 -23.71 -7.29
N LEU B 76 6.66 -24.61 -6.78
CA LEU B 76 7.00 -25.87 -7.45
C LEU B 76 7.53 -26.83 -6.38
N HIS B 77 6.81 -27.91 -6.17
CA HIS B 77 7.23 -28.92 -5.24
C HIS B 77 8.23 -29.86 -5.92
N PRO B 78 9.30 -30.26 -5.21
CA PRO B 78 10.35 -31.01 -5.90
C PRO B 78 9.94 -32.36 -6.48
N THR B 79 8.85 -32.97 -5.99
CA THR B 79 8.36 -34.22 -6.57
C THR B 79 7.98 -34.07 -8.04
N SER B 80 7.63 -32.85 -8.41
CA SER B 80 7.27 -32.49 -9.78
C SER B 80 8.42 -32.43 -10.78
N PHE B 81 9.68 -32.47 -10.35
CA PHE B 81 10.79 -32.42 -11.32
C PHE B 81 10.82 -33.63 -12.21
N ARG B 82 11.33 -33.44 -13.42
CA ARG B 82 11.55 -34.55 -14.36
C ARG B 82 12.63 -35.49 -13.85
N GLY B 83 12.70 -36.67 -14.44
CA GLY B 83 13.73 -37.61 -14.10
C GLY B 83 13.27 -39.04 -14.29
N PRO B 84 14.23 -39.97 -14.31
CA PRO B 84 13.96 -41.36 -14.62
C PRO B 84 13.43 -42.24 -13.49
N HIS B 85 13.34 -41.75 -12.25
CA HIS B 85 13.11 -42.66 -11.11
C HIS B 85 11.74 -42.60 -10.49
N GLY B 86 10.76 -42.07 -11.22
CA GLY B 86 9.37 -42.15 -10.80
C GLY B 86 8.88 -40.95 -10.03
N ILE B 87 9.76 -40.02 -9.75
CA ILE B 87 9.44 -38.91 -8.85
C ILE B 87 10.57 -37.94 -9.01
N GLY B 88 10.29 -36.65 -8.84
CA GLY B 88 11.34 -35.64 -8.79
C GLY B 88 12.20 -35.82 -7.56
N ASP B 89 13.40 -35.26 -7.58
CA ASP B 89 14.33 -35.40 -6.47
C ASP B 89 15.29 -34.19 -6.30
N LEU B 90 16.14 -34.26 -5.30
CA LEU B 90 17.01 -33.14 -4.94
C LEU B 90 18.33 -33.12 -5.72
N GLY B 91 18.34 -33.74 -6.90
CA GLY B 91 19.54 -33.79 -7.73
C GLY B 91 19.59 -32.68 -8.77
N GLU B 92 20.07 -33.04 -9.95
CA GLU B 92 20.43 -32.09 -11.00
C GLU B 92 19.26 -31.17 -11.39
N GLU B 93 18.05 -31.70 -11.40
CA GLU B 93 16.89 -30.91 -11.84
C GLU B 93 16.59 -29.76 -10.90
N ALA B 94 16.78 -29.98 -9.60
CA ALA B 94 16.66 -28.90 -8.61
C ALA B 94 17.61 -27.75 -8.91
N PHE B 95 18.83 -28.08 -9.27
CA PHE B 95 19.85 -27.06 -9.50
C PHE B 95 19.59 -26.34 -10.81
N ARG B 96 19.14 -27.10 -11.81
CA ARG B 96 18.72 -26.53 -13.08
C ARG B 96 17.55 -25.58 -12.92
N PHE B 97 16.59 -25.97 -12.10
CA PHE B 97 15.44 -25.15 -11.89
C PHE B 97 15.86 -23.86 -11.21
N ILE B 98 16.74 -23.97 -10.21
CA ILE B 98 17.27 -22.77 -9.54
C ILE B 98 17.99 -21.86 -10.53
N ASP B 99 18.76 -22.42 -11.43
CA ASP B 99 19.41 -21.64 -12.47
C ASP B 99 18.37 -20.94 -13.35
N TRP B 100 17.33 -21.66 -13.73
CA TRP B 100 16.25 -21.09 -14.56
C TRP B 100 15.55 -19.95 -13.82
N LEU B 101 15.26 -20.18 -12.55
CA LEU B 101 14.59 -19.22 -11.69
C LEU B 101 15.41 -17.95 -11.61
N HIS B 102 16.69 -18.11 -11.32
CA HIS B 102 17.59 -16.98 -11.31
C HIS B 102 17.60 -16.23 -12.65
N SER B 103 17.59 -16.95 -13.77
CA SER B 103 17.62 -16.31 -15.07
C SER B 103 16.36 -15.47 -15.31
N THR B 104 15.22 -15.80 -14.66
CA THR B 104 13.99 -15.03 -14.82
C THR B 104 14.00 -13.77 -14.01
N GLY B 105 14.87 -13.67 -13.03
CA GLY B 105 14.82 -12.58 -12.09
C GLY B 105 14.05 -12.90 -10.81
N CYS B 106 13.33 -14.02 -10.74
CA CYS B 106 12.66 -14.43 -9.51
C CYS B 106 13.66 -14.69 -8.42
N SER B 107 13.26 -14.42 -7.19
CA SER B 107 14.16 -14.60 -6.06
C SER B 107 13.52 -15.40 -4.92
N VAL B 108 12.42 -16.09 -5.20
CA VAL B 108 11.72 -16.92 -4.23
C VAL B 108 11.28 -18.24 -4.89
N TRP B 109 11.54 -19.34 -4.21
CA TRP B 109 11.03 -20.64 -4.59
C TRP B 109 10.19 -21.14 -3.43
N GLN B 110 8.90 -21.38 -3.66
CA GLN B 110 8.04 -21.92 -2.60
C GLN B 110 7.81 -23.41 -2.88
N VAL B 111 7.97 -24.21 -1.82
CA VAL B 111 7.66 -25.63 -1.85
C VAL B 111 6.53 -25.91 -0.90
N LEU B 112 5.97 -27.10 -1.04
CA LEU B 112 5.01 -27.63 -0.07
C LEU B 112 5.81 -28.31 1.05
N PRO B 113 5.13 -28.76 2.12
CA PRO B 113 5.89 -29.36 3.20
C PRO B 113 6.76 -30.49 2.67
N LEU B 114 7.98 -30.60 3.20
CA LEU B 114 8.92 -31.62 2.75
C LEU B 114 8.90 -32.90 3.60
N VAL B 115 7.88 -33.02 4.43
CA VAL B 115 7.68 -34.19 5.29
C VAL B 115 7.36 -35.49 4.53
N PRO B 116 7.51 -36.64 5.19
CA PRO B 116 7.07 -37.88 4.52
C PRO B 116 5.56 -37.85 4.38
N PRO B 117 5.05 -37.98 3.15
CA PRO B 117 3.63 -37.84 2.87
C PRO B 117 2.85 -39.08 3.26
N ASP B 118 1.52 -39.01 3.18
CA ASP B 118 0.72 -40.24 3.31
C ASP B 118 0.77 -41.06 2.02
N GLU B 119 0.13 -42.21 2.01
CA GLU B 119 0.15 -43.12 0.85
C GLU B 119 -0.46 -42.49 -0.41
N GLY B 120 -1.43 -41.59 -0.24
CA GLY B 120 -1.96 -40.79 -1.34
C GLY B 120 -1.05 -39.67 -1.87
N GLY B 121 0.14 -39.51 -1.29
CA GLY B 121 1.10 -38.46 -1.68
C GLY B 121 1.00 -37.13 -0.93
N SER B 122 0.03 -36.97 -0.05
CA SER B 122 -0.25 -35.66 0.57
C SER B 122 0.84 -35.21 1.54
N PRO B 123 1.47 -34.07 1.24
CA PRO B 123 2.42 -33.51 2.17
C PRO B 123 1.80 -32.90 3.40
N TYR B 124 0.47 -32.86 3.52
CA TYR B 124 -0.22 -32.21 4.64
C TYR B 124 -0.82 -33.17 5.64
N ALA B 125 -0.73 -34.46 5.35
CA ALA B 125 -1.17 -35.47 6.31
C ALA B 125 0.01 -36.40 6.46
N GLY B 126 1.14 -35.79 6.79
CA GLY B 126 2.39 -36.51 6.88
C GLY B 126 2.50 -37.44 8.08
N GLN B 127 3.46 -38.33 7.98
CA GLN B 127 3.77 -39.29 9.00
C GLN B 127 4.56 -38.65 10.18
N ASP B 128 5.18 -37.50 9.93
CA ASP B 128 6.05 -36.83 10.86
C ASP B 128 6.13 -35.36 10.50
N ALA B 129 6.21 -34.49 11.51
CA ALA B 129 6.26 -33.09 11.27
C ALA B 129 7.68 -32.58 10.98
N ASN B 130 8.71 -33.31 11.35
CA ASN B 130 10.08 -32.82 11.20
C ASN B 130 10.97 -33.58 10.23
N CYS B 131 10.72 -34.86 10.02
CA CYS B 131 11.48 -35.64 9.03
C CYS B 131 11.31 -35.17 7.59
N GLY B 132 12.29 -35.46 6.78
CA GLY B 132 12.22 -35.25 5.34
C GLY B 132 11.71 -36.47 4.59
N ASN B 133 11.09 -36.22 3.44
CA ASN B 133 10.61 -37.26 2.54
C ASN B 133 11.82 -37.91 1.86
N THR B 134 12.18 -39.10 2.34
CA THR B 134 13.37 -39.79 1.82
C THR B 134 13.29 -40.15 0.32
N LEU B 135 12.07 -40.22 -0.22
CA LEU B 135 11.93 -40.44 -1.65
C LEU B 135 12.37 -39.28 -2.53
N LEU B 136 12.62 -38.13 -1.93
CA LEU B 136 13.22 -37.03 -2.64
C LEU B 136 14.73 -37.16 -2.79
N ILE B 137 15.33 -38.13 -2.11
CA ILE B 137 16.76 -38.30 -2.18
C ILE B 137 17.13 -38.69 -3.62
N SER B 138 18.18 -38.04 -4.13
CA SER B 138 18.70 -38.28 -5.48
C SER B 138 19.70 -39.42 -5.47
N LEU B 139 19.46 -40.44 -6.31
CA LEU B 139 20.39 -41.55 -6.44
C LEU B 139 21.72 -41.15 -7.09
N ASP B 140 21.68 -40.24 -8.04
CA ASP B 140 22.91 -39.75 -8.69
C ASP B 140 23.83 -39.01 -7.71
N GLU B 141 23.23 -38.23 -6.81
CA GLU B 141 24.00 -37.54 -5.78
C GLU B 141 24.62 -38.53 -4.79
N LEU B 142 23.92 -39.61 -4.51
CA LEU B 142 24.51 -40.68 -3.70
C LEU B 142 25.75 -41.32 -4.40
N VAL B 143 25.72 -41.40 -5.73
CA VAL B 143 26.87 -41.89 -6.48
C VAL B 143 28.02 -40.91 -6.33
N LYS B 144 27.74 -39.61 -6.43
CA LYS B 144 28.78 -38.60 -6.20
C LYS B 144 29.35 -38.62 -4.77
N ASP B 145 28.53 -39.03 -3.81
CA ASP B 145 28.98 -39.18 -2.44
C ASP B 145 29.74 -40.48 -2.23
N GLY B 146 29.77 -41.37 -3.24
CA GLY B 146 30.48 -42.65 -3.14
C GLY B 146 29.72 -43.73 -2.40
N LEU B 147 28.43 -43.53 -2.18
CA LEU B 147 27.62 -44.51 -1.46
C LEU B 147 26.93 -45.49 -2.39
N LEU B 148 26.83 -45.15 -3.67
CA LEU B 148 26.43 -46.12 -4.71
C LEU B 148 27.38 -46.01 -5.89
N ILE B 149 27.31 -46.98 -6.79
CA ILE B 149 27.97 -46.86 -8.07
C ILE B 149 26.97 -46.81 -9.23
N LYS B 150 27.40 -46.26 -10.36
CA LYS B 150 26.52 -46.04 -11.53
C LYS B 150 25.81 -47.32 -11.97
N ASP B 151 26.51 -48.44 -11.95
CA ASP B 151 25.93 -49.72 -12.36
C ASP B 151 24.77 -50.19 -11.51
N GLU B 152 24.63 -49.64 -10.32
CA GLU B 152 23.56 -50.07 -9.42
C GLU B 152 22.28 -49.33 -9.70
N LEU B 153 22.38 -48.22 -10.40
CA LEU B 153 21.20 -47.41 -10.72
C LEU B 153 20.19 -48.18 -11.58
N PRO B 154 18.90 -48.05 -11.27
CA PRO B 154 17.89 -48.85 -11.96
C PRO B 154 17.65 -48.35 -13.37
N GLN B 155 17.03 -49.21 -14.18
CA GLN B 155 16.62 -48.78 -15.50
C GLN B 155 15.55 -47.68 -15.31
N PRO B 156 15.63 -46.63 -16.13
CA PRO B 156 14.62 -45.58 -16.10
C PRO B 156 13.19 -46.11 -16.33
N ILE B 157 12.21 -45.41 -15.79
CA ILE B 157 10.80 -45.74 -16.03
C ILE B 157 10.04 -44.50 -16.43
N ASP B 158 8.99 -44.68 -17.23
CA ASP B 158 8.09 -43.61 -17.59
C ASP B 158 7.16 -43.40 -16.43
N ALA B 159 7.08 -42.17 -15.97
CA ALA B 159 6.10 -41.79 -14.97
C ALA B 159 5.71 -40.35 -15.25
N ASP B 160 4.70 -40.17 -16.08
CA ASP B 160 4.17 -38.87 -16.43
C ASP B 160 3.65 -38.20 -15.18
N SER B 161 3.17 -39.01 -14.24
CA SER B 161 2.80 -38.52 -12.94
C SER B 161 3.45 -39.39 -11.86
N VAL B 162 3.57 -38.85 -10.66
CA VAL B 162 4.20 -39.54 -9.55
C VAL B 162 3.29 -40.63 -9.07
N ASN B 163 3.76 -41.88 -9.18
CA ASN B 163 3.15 -42.97 -8.45
C ASN B 163 4.06 -43.31 -7.28
N TYR B 164 3.59 -43.07 -6.08
CA TYR B 164 4.42 -43.22 -4.90
C TYR B 164 4.83 -44.66 -4.63
N GLN B 165 3.92 -45.60 -4.86
CA GLN B 165 4.23 -47.01 -4.69
C GLN B 165 5.35 -47.41 -5.65
N THR B 166 5.29 -46.98 -6.90
CA THR B 166 6.33 -47.29 -7.88
C THR B 166 7.70 -46.66 -7.57
N ALA B 167 7.73 -45.41 -7.14
CA ALA B 167 8.99 -44.76 -6.75
C ALA B 167 9.65 -45.44 -5.53
N ASN B 168 8.82 -45.87 -4.59
CA ASN B 168 9.30 -46.58 -3.42
C ASN B 168 9.96 -47.91 -3.77
N LYS B 169 9.29 -48.73 -4.59
CA LYS B 169 9.87 -50.00 -5.05
C LYS B 169 11.21 -49.79 -5.77
N LEU B 170 11.31 -48.71 -6.54
CA LEU B 170 12.47 -48.46 -7.35
C LEU B 170 13.62 -47.92 -6.51
N LYS B 171 13.33 -46.93 -5.66
CA LYS B 171 14.38 -46.20 -5.00
C LYS B 171 14.75 -46.71 -3.61
N SER B 172 13.80 -47.24 -2.85
CA SER B 172 14.06 -47.55 -1.44
C SER B 172 15.20 -48.51 -1.19
N PRO B 173 15.25 -49.64 -1.93
CA PRO B 173 16.37 -50.56 -1.74
C PRO B 173 17.72 -49.88 -1.96
N LEU B 174 17.81 -48.99 -2.93
CA LEU B 174 19.07 -48.33 -3.20
C LEU B 174 19.43 -47.32 -2.11
N ILE B 175 18.43 -46.58 -1.62
CA ILE B 175 18.63 -45.62 -0.56
C ILE B 175 19.04 -46.36 0.72
N THR B 176 18.40 -47.47 0.97
CA THR B 176 18.73 -48.31 2.11
C THR B 176 20.18 -48.78 2.04
N LYS B 177 20.58 -49.26 0.86
CA LYS B 177 21.92 -49.78 0.64
C LYS B 177 22.96 -48.67 0.86
N ALA B 178 22.68 -47.48 0.34
CA ALA B 178 23.56 -46.34 0.52
C ALA B 178 23.71 -46.00 2.00
N ALA B 179 22.59 -45.99 2.70
CA ALA B 179 22.55 -45.74 4.13
C ALA B 179 23.38 -46.77 4.88
N LYS B 180 23.29 -48.01 4.45
CA LYS B 180 24.06 -49.09 5.07
C LYS B 180 25.58 -48.88 4.87
N ARG B 181 26.00 -48.57 3.65
CA ARG B 181 27.41 -48.29 3.39
C ARG B 181 27.91 -47.12 4.21
N LEU B 182 27.05 -46.13 4.42
CA LEU B 182 27.41 -44.97 5.21
C LEU B 182 27.67 -45.36 6.69
N ILE B 183 26.77 -46.16 7.27
CA ILE B 183 26.88 -46.56 8.67
C ILE B 183 28.08 -47.51 8.85
N ASP B 184 28.34 -48.38 7.88
CA ASP B 184 29.50 -49.29 7.95
C ASP B 184 30.86 -48.62 7.68
N GLY B 185 30.90 -47.41 7.13
CA GLY B 185 32.17 -46.75 6.79
C GLY B 185 32.81 -46.03 7.97
N ASN B 186 34.07 -45.63 7.83
CA ASN B 186 34.81 -44.91 8.90
C ASN B 186 35.29 -43.48 8.58
N GLY B 187 34.95 -42.95 7.41
CA GLY B 187 35.47 -41.66 6.96
C GLY B 187 34.73 -40.37 7.33
N GLU B 188 34.96 -39.34 6.52
CA GLU B 188 34.43 -37.98 6.76
C GLU B 188 32.92 -38.00 6.83
N LEU B 189 32.31 -38.69 5.89
CA LEU B 189 30.87 -38.69 5.77
C LEU B 189 30.25 -39.29 7.01
N LYS B 190 30.81 -40.40 7.46
CA LYS B 190 30.40 -41.04 8.69
C LYS B 190 30.56 -40.10 9.90
N SER B 191 31.64 -39.35 9.92
CA SER B 191 31.87 -38.42 10.99
C SER B 191 30.82 -37.30 11.05
N LYS B 192 30.30 -36.91 9.89
CA LYS B 192 29.27 -35.89 9.82
C LYS B 192 27.91 -36.45 10.24
N LEU B 193 27.69 -37.73 9.95
CA LEU B 193 26.48 -38.43 10.42
C LEU B 193 26.41 -38.34 11.94
N LEU B 194 27.54 -38.59 12.60
CA LEU B 194 27.61 -38.55 14.05
C LEU B 194 27.33 -37.13 14.59
N ASP B 195 27.93 -36.11 14.00
CA ASP B 195 27.65 -34.73 14.43
C ASP B 195 26.14 -34.42 14.31
N PHE B 196 25.56 -34.77 13.17
CA PHE B 196 24.12 -34.66 12.90
C PHE B 196 23.29 -35.37 13.98
N ARG B 197 23.66 -36.61 14.26
CA ARG B 197 22.94 -37.44 15.21
C ARG B 197 23.01 -36.88 16.64
N ASN B 198 24.21 -36.45 17.04
CA ASN B 198 24.43 -35.95 18.41
C ASN B 198 24.18 -34.47 18.57
N ASP B 199 23.79 -33.80 17.48
CA ASP B 199 23.41 -32.41 17.56
C ASP B 199 22.10 -32.32 18.33
N PRO B 200 22.10 -31.58 19.45
CA PRO B 200 20.88 -31.51 20.27
C PRO B 200 19.64 -30.99 19.53
N SER B 201 19.80 -30.05 18.59
CA SER B 201 18.66 -29.52 17.87
C SER B 201 18.10 -30.53 16.86
N ILE B 202 18.85 -31.57 16.56
CA ILE B 202 18.35 -32.66 15.73
C ILE B 202 17.75 -33.75 16.63
N SER B 203 18.49 -34.13 17.66
CA SER B 203 18.11 -35.27 18.47
C SER B 203 16.83 -35.07 19.23
N CYS B 204 16.44 -33.82 19.50
CA CYS B 204 15.20 -33.56 20.23
C CYS B 204 13.95 -33.99 19.46
N TRP B 205 14.05 -34.14 18.13
CA TRP B 205 12.97 -34.76 17.35
C TRP B 205 13.34 -36.10 16.68
N LEU B 206 14.60 -36.26 16.30
CA LEU B 206 15.01 -37.39 15.46
C LEU B 206 14.99 -38.75 16.15
N GLU B 207 15.44 -38.83 17.40
CA GLU B 207 15.37 -40.10 18.11
C GLU B 207 13.90 -40.53 18.27
N ASP B 208 13.02 -39.63 18.70
CA ASP B 208 11.61 -39.96 18.85
C ASP B 208 11.05 -40.51 17.56
N ALA B 209 11.37 -39.84 16.46
CA ALA B 209 10.85 -40.21 15.16
C ALA B 209 11.34 -41.60 14.74
N ALA B 210 12.59 -41.89 14.98
CA ALA B 210 13.20 -43.17 14.59
C ALA B 210 12.59 -44.34 15.37
N TYR B 211 12.42 -44.17 16.68
CA TYR B 211 11.83 -45.22 17.53
C TYR B 211 10.38 -45.41 17.17
N PHE B 212 9.65 -44.31 16.98
CA PHE B 212 8.26 -44.41 16.56
C PHE B 212 8.17 -45.24 15.27
N ALA B 213 9.03 -44.93 14.32
CA ALA B 213 9.00 -45.64 13.05
C ALA B 213 9.41 -47.11 13.22
N ALA B 214 10.37 -47.37 14.10
CA ALA B 214 10.77 -48.74 14.36
C ALA B 214 9.61 -49.54 14.96
N ILE B 215 8.89 -48.95 15.89
CA ILE B 215 7.77 -49.64 16.54
C ILE B 215 6.67 -49.86 15.53
N ASP B 216 6.38 -48.84 14.75
CA ASP B 216 5.31 -48.93 13.74
C ASP B 216 5.61 -50.03 12.70
N ASN B 217 6.88 -50.13 12.30
CA ASN B 217 7.32 -51.20 11.43
C ASN B 217 7.19 -52.57 12.10
N THR B 218 7.59 -52.70 13.36
CA THR B 218 7.50 -53.96 14.10
C THR B 218 6.08 -54.40 14.41
N LEU B 219 5.19 -53.46 14.72
CA LEU B 219 3.85 -53.84 15.13
C LEU B 219 2.87 -53.74 14.00
N ASN B 220 1.97 -54.70 13.94
CA ASN B 220 0.78 -54.61 13.11
C ASN B 220 -0.35 -54.00 13.92
N ALA B 221 -0.53 -52.69 13.78
CA ALA B 221 -1.60 -51.99 14.54
C ALA B 221 -2.06 -50.77 13.81
N TYR B 222 -3.34 -50.46 13.94
CA TYR B 222 -3.92 -49.30 13.28
C TYR B 222 -3.16 -48.01 13.63
N SER B 223 -3.04 -47.73 14.93
CA SER B 223 -2.32 -46.56 15.41
C SER B 223 -1.71 -46.85 16.76
N TRP B 224 -0.93 -45.90 17.27
CA TRP B 224 -0.27 -46.12 18.57
C TRP B 224 -1.28 -46.26 19.71
N PHE B 225 -2.51 -45.82 19.53
CA PHE B 225 -3.55 -46.04 20.55
C PHE B 225 -3.70 -47.53 20.88
N GLU B 226 -3.49 -48.39 19.88
CA GLU B 226 -3.64 -49.83 20.00
C GLU B 226 -2.34 -50.55 20.43
N TRP B 227 -1.24 -49.83 20.55
CA TRP B 227 0.00 -50.41 21.01
C TRP B 227 -0.10 -50.92 22.46
N PRO B 228 0.62 -51.99 22.79
CA PRO B 228 0.71 -52.41 24.19
C PRO B 228 1.28 -51.31 25.09
N GLU B 229 0.76 -51.25 26.29
CA GLU B 229 1.01 -50.14 27.18
C GLU B 229 2.48 -49.65 27.29
N PRO B 230 3.44 -50.56 27.42
CA PRO B 230 4.81 -50.08 27.60
C PRO B 230 5.34 -49.36 26.39
N LEU B 231 4.92 -49.77 25.20
CA LEU B 231 5.29 -49.05 23.97
C LEU B 231 4.45 -47.82 23.77
N LYS B 232 3.16 -47.96 24.04
CA LYS B 232 2.24 -46.87 23.93
C LYS B 232 2.70 -45.69 24.78
N ASN B 233 3.09 -45.96 26.01
CA ASN B 233 3.44 -44.91 26.95
C ASN B 233 4.94 -44.77 27.18
N ARG B 234 5.72 -45.35 26.26
CA ARG B 234 7.16 -45.11 26.21
C ARG B 234 7.91 -45.44 27.49
N HIS B 235 7.68 -46.61 28.06
CA HIS B 235 8.44 -47.03 29.21
C HIS B 235 9.89 -47.14 28.78
N LEU B 236 10.78 -46.73 29.67
CA LEU B 236 12.18 -46.63 29.32
C LEU B 236 12.79 -47.97 28.90
N SER B 237 12.50 -49.02 29.65
CA SER B 237 13.09 -50.31 29.32
C SER B 237 12.41 -50.93 28.10
N ALA B 238 11.17 -50.55 27.81
CA ALA B 238 10.54 -50.93 26.52
C ALA B 238 11.27 -50.29 25.36
N LEU B 239 11.58 -49.01 25.49
CA LEU B 239 12.36 -48.32 24.46
C LEU B 239 13.75 -48.93 24.27
N GLU B 240 14.44 -49.24 25.35
CA GLU B 240 15.73 -49.93 25.27
C GLU B 240 15.63 -51.29 24.56
N ALA B 241 14.58 -52.04 24.87
CA ALA B 241 14.33 -53.30 24.19
C ALA B 241 14.10 -53.08 22.68
N ILE B 242 13.41 -52.03 22.33
CA ILE B 242 13.25 -51.68 20.92
C ILE B 242 14.59 -51.36 20.28
N TYR B 243 15.44 -50.60 20.95
CA TYR B 243 16.72 -50.28 20.34
C TYR B 243 17.55 -51.55 20.09
N GLU B 244 17.56 -52.47 21.03
CA GLU B 244 18.28 -53.73 20.82
C GLU B 244 17.70 -54.54 19.64
N SER B 245 16.39 -54.72 19.62
CA SER B 245 15.75 -55.59 18.65
C SER B 245 15.57 -54.95 17.27
N GLN B 246 15.47 -53.62 17.21
CA GLN B 246 15.33 -52.93 15.92
C GLN B 246 16.54 -52.00 15.65
N LYS B 247 17.70 -52.33 16.20
CA LYS B 247 18.87 -51.47 16.05
C LYS B 247 19.18 -51.10 14.62
N GLU B 248 19.13 -52.07 13.72
CA GLU B 248 19.47 -51.79 12.34
C GLU B 248 18.48 -50.84 11.69
N PHE B 249 17.19 -51.07 11.89
CA PHE B 249 16.17 -50.20 11.33
C PHE B 249 16.36 -48.74 11.77
N ILE B 250 16.59 -48.56 13.06
CA ILE B 250 16.78 -47.25 13.67
C ILE B 250 18.01 -46.53 13.09
N ASP B 251 19.13 -47.22 13.01
CA ASP B 251 20.35 -46.60 12.49
C ASP B 251 20.17 -46.23 11.03
N LEU B 252 19.46 -47.06 10.27
CA LEU B 252 19.23 -46.78 8.85
C LEU B 252 18.27 -45.60 8.69
N PHE B 253 17.22 -45.56 9.50
CA PHE B 253 16.29 -44.43 9.50
C PHE B 253 17.01 -43.11 9.75
N ILE B 254 17.86 -43.11 10.77
CA ILE B 254 18.64 -41.95 11.09
C ILE B 254 19.58 -41.59 9.96
N ALA B 255 20.26 -42.59 9.39
CA ALA B 255 21.14 -42.36 8.25
C ALA B 255 20.39 -41.77 7.06
N LYS B 256 19.19 -42.23 6.81
CA LYS B 256 18.44 -41.71 5.69
C LYS B 256 18.00 -40.26 5.90
N GLN B 257 17.66 -39.91 7.11
CA GLN B 257 17.39 -38.51 7.42
C GLN B 257 18.63 -37.61 7.27
N PHE B 258 19.80 -38.15 7.62
CA PHE B 258 21.04 -37.44 7.40
C PHE B 258 21.22 -37.18 5.92
N LEU B 259 20.94 -38.18 5.09
CA LEU B 259 21.17 -38.04 3.64
C LEU B 259 20.19 -37.05 3.04
N PHE B 260 18.93 -37.12 3.45
CA PHE B 260 17.97 -36.09 3.06
C PHE B 260 18.50 -34.72 3.44
N GLN B 261 18.90 -34.56 4.69
CA GLN B 261 19.36 -33.28 5.20
C GLN B 261 20.50 -32.74 4.40
N ARG B 262 21.45 -33.61 4.09
CA ARG B 262 22.60 -33.22 3.35
C ARG B 262 22.24 -32.73 1.95
N GLN B 263 21.32 -33.43 1.29
CA GLN B 263 20.97 -33.08 -0.06
C GLN B 263 20.11 -31.84 -0.09
N TRP B 264 19.21 -31.74 0.88
CA TRP B 264 18.39 -30.54 0.95
C TRP B 264 19.23 -29.29 1.29
N GLN B 265 20.19 -29.43 2.20
CA GLN B 265 21.02 -28.30 2.55
C GLN B 265 21.87 -27.85 1.36
N LYS B 266 22.26 -28.78 0.50
CA LYS B 266 22.99 -28.39 -0.70
C LYS B 266 22.12 -27.60 -1.68
N VAL B 267 20.87 -28.02 -1.85
CA VAL B 267 19.92 -27.31 -2.69
C VAL B 267 19.68 -25.93 -2.12
N ARG B 268 19.56 -25.86 -0.81
CA ARG B 268 19.32 -24.61 -0.14
C ARG B 268 20.49 -23.61 -0.26
N GLU B 269 21.71 -24.13 -0.13
CA GLU B 269 22.87 -23.27 -0.30
C GLU B 269 23.04 -22.82 -1.74
N TYR B 270 22.72 -23.70 -2.67
CA TYR B 270 22.80 -23.37 -4.05
C TYR B 270 21.80 -22.26 -4.38
N ALA B 271 20.60 -22.37 -3.86
CA ALA B 271 19.61 -21.31 -4.00
C ALA B 271 20.12 -19.98 -3.47
N ARG B 272 20.64 -20.00 -2.24
CA ARG B 272 21.18 -18.80 -1.65
C ARG B 272 22.26 -18.21 -2.54
N ARG B 273 23.12 -19.08 -3.10
CA ARG B 273 24.22 -18.59 -3.94
C ARG B 273 23.66 -17.94 -5.19
N GLN B 274 22.51 -18.42 -5.67
CA GLN B 274 21.85 -17.79 -6.81
C GLN B 274 20.80 -16.72 -6.45
N GLY B 275 20.82 -16.21 -5.23
CA GLY B 275 19.89 -15.15 -4.82
C GLY B 275 18.43 -15.60 -4.72
N VAL B 276 18.20 -16.86 -4.36
CA VAL B 276 16.86 -17.38 -4.21
C VAL B 276 16.60 -17.82 -2.79
N ASP B 277 15.63 -17.20 -2.13
CA ASP B 277 15.15 -17.65 -0.85
C ASP B 277 14.13 -18.76 -1.05
N ILE B 278 14.10 -19.70 -0.13
CA ILE B 278 13.17 -20.82 -0.19
C ILE B 278 12.11 -20.66 0.86
N MET B 279 10.85 -20.73 0.41
CA MET B 279 9.71 -20.57 1.28
C MET B 279 9.01 -21.91 1.41
N GLY B 280 8.81 -22.34 2.64
CA GLY B 280 8.21 -23.62 2.97
C GLY B 280 6.79 -23.45 3.40
N ASP B 281 6.22 -24.52 3.92
CA ASP B 281 4.84 -24.51 4.40
C ASP B 281 4.74 -25.51 5.54
N MET B 282 3.88 -25.23 6.51
CA MET B 282 3.60 -26.21 7.55
C MET B 282 2.15 -26.10 7.96
N PRO B 283 1.48 -27.23 8.07
CA PRO B 283 0.13 -27.18 8.64
C PRO B 283 0.20 -26.84 10.13
N ILE B 284 -0.74 -26.05 10.62
CA ILE B 284 -0.74 -25.72 12.05
C ILE B 284 -0.85 -27.01 12.90
N TYR B 285 -1.60 -27.99 12.43
CA TYR B 285 -1.80 -29.23 13.18
C TYR B 285 -0.98 -30.38 12.63
N VAL B 286 -0.73 -31.37 13.49
CA VAL B 286 -0.02 -32.57 13.09
C VAL B 286 -0.99 -33.75 13.23
N GLY B 287 -0.68 -34.89 12.60
CA GLY B 287 -1.53 -36.07 12.71
C GLY B 287 -1.36 -36.87 14.01
N TYR B 288 -2.42 -37.59 14.39
CA TYR B 288 -2.47 -38.36 15.63
C TYR B 288 -1.38 -39.44 15.67
N HIS B 289 -1.31 -40.23 14.61
CA HIS B 289 -0.34 -41.29 14.51
C HIS B 289 0.98 -40.72 14.02
N SER B 290 1.73 -40.15 14.94
CA SER B 290 3.04 -39.55 14.65
C SER B 290 3.83 -39.48 15.95
N ALA B 291 5.15 -39.41 15.81
CA ALA B 291 6.03 -39.25 16.95
C ALA B 291 5.77 -37.93 17.68
N ASP B 292 5.33 -36.93 16.92
CA ASP B 292 5.07 -35.61 17.46
C ASP B 292 4.04 -35.68 18.55
N VAL B 293 3.02 -36.52 18.39
CA VAL B 293 2.01 -36.66 19.42
C VAL B 293 2.42 -37.69 20.47
N TRP B 294 2.85 -38.84 20.00
CA TRP B 294 3.20 -39.95 20.87
C TRP B 294 4.32 -39.60 21.83
N ALA B 295 5.33 -38.90 21.35
CA ALA B 295 6.44 -38.55 22.25
C ALA B 295 6.14 -37.28 23.09
N ASN B 296 4.97 -36.66 22.91
CA ASN B 296 4.66 -35.42 23.60
C ASN B 296 3.20 -35.36 24.01
N LYS B 297 2.71 -36.45 24.56
CA LYS B 297 1.30 -36.57 24.87
C LYS B 297 0.73 -35.40 25.69
N LYS B 298 1.50 -34.93 26.67
CA LYS B 298 1.01 -33.91 27.61
C LYS B 298 0.72 -32.58 26.93
N HIS B 299 1.30 -32.37 25.76
CA HIS B 299 1.15 -31.13 25.01
C HIS B 299 -0.13 -31.09 24.14
N PHE B 300 -0.89 -32.19 24.15
CA PHE B 300 -2.11 -32.32 23.34
C PHE B 300 -3.30 -32.62 24.24
N LEU B 301 -4.50 -32.46 23.68
CA LEU B 301 -5.72 -32.67 24.42
C LEU B 301 -6.19 -34.11 24.26
N LEU B 302 -5.55 -34.98 25.03
CA LEU B 302 -5.85 -36.39 25.04
C LEU B 302 -6.43 -36.78 26.39
N ASN B 303 -7.25 -37.82 26.42
CA ASN B 303 -7.72 -38.39 27.68
C ASN B 303 -6.63 -39.21 28.36
N LYS B 304 -6.95 -39.86 29.49
CA LYS B 304 -5.99 -40.67 30.27
C LYS B 304 -5.42 -41.84 29.48
N LYS B 305 -6.19 -42.31 28.50
CA LYS B 305 -5.76 -43.42 27.67
C LYS B 305 -5.03 -42.97 26.41
N GLY B 306 -4.82 -41.67 26.25
CA GLY B 306 -4.18 -41.15 25.02
C GLY B 306 -5.07 -40.98 23.77
N PHE B 307 -6.38 -40.97 23.95
CA PHE B 307 -7.32 -40.72 22.84
C PHE B 307 -7.72 -39.23 22.84
N PRO B 308 -7.78 -38.61 21.66
CA PRO B 308 -8.13 -37.18 21.62
C PRO B 308 -9.49 -36.90 22.23
N LEU B 309 -9.55 -35.89 23.09
CA LEU B 309 -10.81 -35.40 23.65
C LEU B 309 -11.55 -34.65 22.55
N LEU B 310 -10.78 -33.80 21.87
CA LEU B 310 -11.29 -32.89 20.85
C LEU B 310 -10.38 -32.97 19.63
N VAL B 311 -11.00 -32.88 18.45
CA VAL B 311 -10.27 -32.85 17.20
C VAL B 311 -10.58 -31.57 16.40
N SER B 312 -9.74 -31.32 15.40
CA SER B 312 -9.81 -30.09 14.62
C SER B 312 -10.83 -30.12 13.49
N GLY B 313 -11.15 -28.92 13.01
CA GLY B 313 -12.00 -28.70 11.84
C GLY B 313 -12.41 -27.23 11.69
N VAL B 314 -13.42 -27.00 10.85
CA VAL B 314 -14.08 -25.71 10.73
C VAL B 314 -15.56 -25.90 10.51
N PRO B 315 -16.37 -24.97 11.01
CA PRO B 315 -17.84 -25.02 10.82
C PRO B 315 -18.26 -24.72 9.36
N PRO B 316 -19.55 -24.86 9.03
CA PRO B 316 -20.02 -24.47 7.69
C PRO B 316 -20.18 -22.96 7.53
N GLY B 323 -20.26 -28.72 7.62
CA GLY B 323 -19.03 -28.50 8.37
C GLY B 323 -17.83 -29.04 7.62
N GLN B 324 -16.65 -29.02 8.26
CA GLN B 324 -15.49 -29.75 7.74
C GLN B 324 -14.59 -30.31 8.85
N LEU B 325 -14.57 -31.64 8.95
CA LEU B 325 -13.92 -32.34 10.05
C LEU B 325 -12.52 -32.81 9.61
N TRP B 326 -11.48 -32.13 10.09
CA TRP B 326 -10.12 -32.52 9.74
C TRP B 326 -9.69 -33.69 10.61
N GLY B 327 -10.01 -33.64 11.89
CA GLY B 327 -9.84 -34.81 12.78
C GLY B 327 -8.48 -34.91 13.45
N SER B 328 -7.69 -33.86 13.37
CA SER B 328 -6.41 -33.82 14.04
C SER B 328 -6.59 -33.57 15.50
N PRO B 329 -5.66 -34.09 16.29
CA PRO B 329 -5.66 -33.77 17.68
C PRO B 329 -5.34 -32.30 17.83
N LEU B 330 -5.76 -31.73 18.95
CA LEU B 330 -5.60 -30.31 19.22
C LEU B 330 -4.52 -30.12 20.27
N TYR B 331 -3.92 -28.93 20.27
CA TYR B 331 -2.89 -28.59 21.25
C TYR B 331 -3.49 -28.25 22.60
N ASP B 332 -2.80 -28.63 23.66
CA ASP B 332 -3.14 -28.20 25.01
C ASP B 332 -2.31 -26.97 25.30
N TRP B 333 -2.85 -25.84 24.89
CA TRP B 333 -2.08 -24.60 24.91
C TRP B 333 -1.68 -24.16 26.30
N LYS B 334 -2.50 -24.42 27.32
CA LYS B 334 -2.10 -24.04 28.68
C LYS B 334 -0.98 -24.94 29.17
N ALA B 335 -1.07 -26.23 28.88
CA ALA B 335 0.02 -27.14 29.18
C ALA B 335 1.32 -26.68 28.47
N MET B 336 1.21 -26.31 27.20
CA MET B 336 2.38 -25.81 26.48
C MET B 336 2.92 -24.53 27.10
N GLU B 337 2.03 -23.65 27.52
CA GLU B 337 2.41 -22.44 28.21
C GLU B 337 3.41 -22.71 29.36
N SER B 338 3.21 -23.80 30.10
CA SER B 338 3.98 -24.11 31.32
C SER B 338 5.43 -24.57 31.07
N ASP B 339 5.78 -24.99 29.85
CA ASP B 339 7.21 -25.17 29.50
C ASP B 339 7.67 -24.19 28.40
N GLN B 340 7.06 -22.99 28.41
CA GLN B 340 7.43 -21.89 27.50
C GLN B 340 7.29 -22.26 26.01
N TYR B 341 6.26 -23.05 25.71
CA TYR B 341 5.94 -23.47 24.35
C TYR B 341 7.12 -24.21 23.65
N SER B 342 7.85 -25.03 24.40
CA SER B 342 9.08 -25.65 23.87
C SER B 342 8.86 -26.51 22.62
N TRP B 343 7.71 -27.17 22.54
CA TRP B 343 7.38 -28.02 21.39
C TRP B 343 7.28 -27.18 20.11
N TRP B 344 6.57 -26.06 20.20
CA TRP B 344 6.46 -25.13 19.07
C TRP B 344 7.76 -24.44 18.73
N VAL B 345 8.54 -24.14 19.75
CA VAL B 345 9.83 -23.53 19.54
C VAL B 345 10.71 -24.51 18.78
N ASN B 346 10.75 -25.77 19.19
CA ASN B 346 11.54 -26.78 18.46
C ASN B 346 11.05 -26.91 17.02
N ARG B 347 9.73 -26.89 16.83
CA ARG B 347 9.18 -27.03 15.50
C ARG B 347 9.63 -25.92 14.59
N ILE B 348 9.62 -24.68 15.09
CA ILE B 348 10.05 -23.54 14.31
C ILE B 348 11.55 -23.63 14.05
N ARG B 349 12.31 -24.17 14.99
CA ARG B 349 13.74 -24.28 14.80
C ARG B 349 14.01 -25.20 13.63
N ARG B 350 13.25 -26.28 13.51
CA ARG B 350 13.39 -27.17 12.38
C ARG B 350 12.96 -26.47 11.07
N ALA B 351 11.84 -25.75 11.10
CA ALA B 351 11.41 -24.96 9.95
C ALA B 351 12.48 -23.97 9.47
N GLN B 352 13.19 -23.36 10.41
CA GLN B 352 14.31 -22.45 10.10
C GLN B 352 15.45 -23.16 9.44
N ASP B 353 15.66 -24.38 9.89
CA ASP B 353 16.71 -25.22 9.37
C ASP B 353 16.41 -25.57 7.90
N LEU B 354 15.14 -25.76 7.56
CA LEU B 354 14.74 -26.17 6.21
C LEU B 354 14.49 -25.02 5.22
N TYR B 355 14.00 -23.89 5.71
CA TYR B 355 13.50 -22.85 4.84
C TYR B 355 13.94 -21.48 5.36
N ASP B 356 14.03 -20.52 4.44
CA ASP B 356 14.26 -19.14 4.78
C ASP B 356 13.02 -18.52 5.33
N GLU B 357 11.85 -18.97 4.86
CA GLU B 357 10.56 -18.40 5.28
C GLU B 357 9.55 -19.51 5.25
N CYS B 358 8.44 -19.37 5.95
CA CYS B 358 7.52 -20.46 6.02
C CYS B 358 6.09 -19.98 6.18
N ARG B 359 5.21 -20.48 5.34
CA ARG B 359 3.79 -20.27 5.53
C ARG B 359 3.24 -21.21 6.59
N ILE B 360 2.26 -20.73 7.34
CA ILE B 360 1.58 -21.59 8.28
C ILE B 360 0.12 -21.67 7.86
N ASP B 361 -0.23 -22.86 7.40
CA ASP B 361 -1.56 -23.15 6.97
C ASP B 361 -2.51 -23.12 8.20
N HIS B 362 -3.63 -22.41 8.04
CA HIS B 362 -4.61 -22.24 9.11
C HIS B 362 -4.01 -21.50 10.31
N PHE B 363 -3.31 -20.42 10.00
CA PHE B 363 -2.74 -19.52 11.00
C PHE B 363 -3.79 -19.00 12.02
N ARG B 364 -5.04 -18.86 11.60
CA ARG B 364 -6.11 -18.34 12.46
C ARG B 364 -6.25 -19.13 13.74
N GLY B 365 -5.88 -20.41 13.68
CA GLY B 365 -5.87 -21.29 14.86
C GLY B 365 -5.01 -20.82 16.03
N PHE B 366 -4.08 -19.92 15.79
CA PHE B 366 -3.32 -19.34 16.89
C PHE B 366 -4.14 -18.33 17.71
N ALA B 367 -5.20 -17.78 17.11
CA ALA B 367 -6.05 -16.83 17.81
C ALA B 367 -7.32 -17.49 18.33
N GLY B 368 -7.93 -18.36 17.50
CA GLY B 368 -9.11 -19.08 17.90
C GLY B 368 -9.23 -20.33 17.05
N PHE B 369 -9.63 -21.45 17.67
CA PHE B 369 -9.74 -22.69 16.92
C PHE B 369 -11.03 -23.45 17.15
N TRP B 370 -11.47 -24.13 16.10
CA TRP B 370 -12.70 -24.89 16.16
C TRP B 370 -12.38 -26.25 16.78
N ALA B 371 -13.18 -26.68 17.75
CA ALA B 371 -12.96 -27.91 18.49
C ALA B 371 -14.20 -28.80 18.44
N VAL B 372 -14.03 -29.99 17.86
CA VAL B 372 -15.10 -30.95 17.68
C VAL B 372 -14.85 -32.11 18.67
N PRO B 373 -15.90 -32.60 19.34
CA PRO B 373 -15.80 -33.85 20.12
C PRO B 373 -15.30 -35.01 19.24
N SER B 374 -14.26 -35.71 19.70
CA SER B 374 -13.64 -36.79 18.91
C SER B 374 -14.66 -37.87 18.61
N GLU B 375 -15.63 -37.99 19.50
CA GLU B 375 -16.79 -38.83 19.31
C GLU B 375 -17.50 -38.67 17.96
N ALA B 376 -17.40 -37.48 17.35
CA ALA B 376 -18.36 -37.06 16.32
C ALA B 376 -17.99 -37.33 14.85
N LYS B 377 -19.02 -37.42 14.01
CA LYS B 377 -18.91 -37.69 12.57
C LYS B 377 -18.98 -36.41 11.71
N VAL B 378 -19.54 -35.33 12.27
CA VAL B 378 -19.68 -34.06 11.57
C VAL B 378 -19.03 -32.92 12.38
N ALA B 379 -18.54 -31.92 11.67
CA ALA B 379 -17.86 -30.79 12.32
C ALA B 379 -18.80 -29.69 12.86
N MET B 380 -20.07 -29.74 12.48
CA MET B 380 -21.02 -28.68 12.85
C MET B 380 -21.34 -28.59 14.34
N VAL B 381 -20.99 -29.63 15.10
CA VAL B 381 -21.18 -29.63 16.54
C VAL B 381 -19.80 -29.49 17.11
N GLY B 382 -19.33 -28.26 17.25
CA GLY B 382 -18.05 -27.97 17.89
C GLY B 382 -18.22 -26.68 18.65
N ARG B 383 -17.14 -26.16 19.20
CA ARG B 383 -17.12 -24.80 19.70
C ARG B 383 -15.78 -24.12 19.41
N TRP B 384 -15.79 -22.79 19.43
CA TRP B 384 -14.58 -21.99 19.22
C TRP B 384 -13.84 -21.83 20.53
N LYS B 385 -12.54 -22.07 20.52
CA LYS B 385 -11.74 -21.93 21.74
C LYS B 385 -10.66 -20.89 21.56
N VAL B 386 -10.21 -20.32 22.66
CA VAL B 386 -9.20 -19.27 22.65
C VAL B 386 -7.79 -19.82 22.44
N GLY B 387 -7.10 -19.26 21.46
CA GLY B 387 -5.73 -19.64 21.15
C GLY B 387 -4.74 -18.84 21.96
N PRO B 388 -3.45 -19.14 21.80
CA PRO B 388 -2.40 -18.57 22.62
C PRO B 388 -2.01 -17.16 22.24
N GLY B 389 -2.33 -16.74 21.02
CA GLY B 389 -1.97 -15.38 20.61
C GLY B 389 -0.47 -15.07 20.67
N LYS B 390 -0.16 -13.80 20.85
CA LYS B 390 1.20 -13.28 20.69
C LYS B 390 2.22 -13.90 21.67
N SER B 391 1.75 -14.35 22.82
CA SER B 391 2.64 -14.93 23.81
C SER B 391 3.41 -16.13 23.23
N LEU B 392 2.76 -16.88 22.33
CA LEU B 392 3.45 -17.96 21.58
C LEU B 392 4.61 -17.40 20.76
N PHE B 393 4.36 -16.32 20.06
CA PHE B 393 5.38 -15.71 19.19
C PHE B 393 6.44 -14.98 19.97
N ASP B 394 6.09 -14.50 21.15
CA ASP B 394 7.10 -13.99 22.08
C ASP B 394 8.07 -15.09 22.49
N ALA B 395 7.50 -16.21 22.89
CA ALA B 395 8.32 -17.36 23.28
C ALA B 395 9.20 -17.81 22.11
N ILE B 396 8.64 -17.85 20.90
CA ILE B 396 9.44 -18.24 19.74
C ILE B 396 10.60 -17.30 19.49
N SER B 397 10.35 -16.00 19.64
CA SER B 397 11.36 -15.00 19.42
C SER B 397 12.51 -15.15 20.41
N LYS B 398 12.17 -15.25 21.71
CA LYS B 398 13.18 -15.49 22.75
C LYS B 398 13.93 -16.81 22.46
N GLY B 399 13.22 -17.83 21.99
CA GLY B 399 13.85 -19.11 21.70
C GLY B 399 14.74 -19.15 20.47
N VAL B 400 14.30 -18.52 19.38
CA VAL B 400 14.87 -18.75 18.06
C VAL B 400 15.41 -17.47 17.37
N GLY B 401 15.01 -16.31 17.88
CA GLY B 401 15.33 -15.06 17.23
C GLY B 401 14.30 -14.68 16.16
N LYS B 402 14.77 -13.96 15.14
CA LYS B 402 13.89 -13.42 14.10
C LYS B 402 13.38 -14.58 13.25
N ILE B 403 12.09 -14.56 12.98
CA ILE B 403 11.49 -15.54 12.09
C ILE B 403 10.78 -14.84 10.93
N LYS B 404 10.60 -15.57 9.85
CA LYS B 404 9.83 -15.08 8.70
C LYS B 404 8.69 -16.03 8.35
N ILE B 405 7.51 -15.66 8.81
CA ILE B 405 6.29 -16.45 8.77
C ILE B 405 5.31 -15.76 7.87
N ILE B 406 4.57 -16.54 7.10
CA ILE B 406 3.48 -16.06 6.28
C ILE B 406 2.21 -16.64 6.87
N ALA B 407 1.18 -15.81 7.08
CA ALA B 407 -0.11 -16.29 7.61
C ALA B 407 -1.05 -16.65 6.49
N GLU B 408 -1.41 -17.93 6.37
CA GLU B 408 -2.54 -18.31 5.52
C GLU B 408 -3.78 -17.86 6.29
N ASP B 409 -4.45 -16.86 5.73
CA ASP B 409 -5.54 -16.16 6.38
C ASP B 409 -6.75 -16.05 5.42
N LEU B 410 -7.00 -17.08 4.62
CA LEU B 410 -8.08 -17.06 3.65
C LEU B 410 -9.44 -17.41 4.30
N GLY B 411 -10.49 -17.26 3.53
CA GLY B 411 -11.85 -17.47 4.05
C GLY B 411 -12.28 -16.41 5.06
N VAL B 412 -13.36 -16.73 5.75
CA VAL B 412 -13.93 -15.84 6.77
C VAL B 412 -13.05 -15.91 8.01
N ILE B 413 -12.57 -14.76 8.46
CA ILE B 413 -11.71 -14.72 9.63
C ILE B 413 -12.14 -13.57 10.52
N THR B 414 -11.75 -13.66 11.78
CA THR B 414 -12.26 -12.77 12.81
C THR B 414 -11.24 -11.69 13.13
N LYS B 415 -11.69 -10.64 13.82
CA LYS B 415 -10.88 -9.47 14.14
C LYS B 415 -9.58 -9.82 14.88
N ASP B 416 -9.67 -10.77 15.81
CA ASP B 416 -8.50 -11.21 16.57
C ASP B 416 -7.42 -11.83 15.68
N VAL B 417 -7.83 -12.49 14.60
CA VAL B 417 -6.87 -13.09 13.66
C VAL B 417 -6.03 -12.00 13.03
N VAL B 418 -6.69 -10.92 12.60
CA VAL B 418 -6.03 -9.81 11.92
C VAL B 418 -5.07 -9.08 12.85
N GLU B 419 -5.51 -8.84 14.08
CA GLU B 419 -4.71 -8.12 15.08
C GLU B 419 -3.48 -8.94 15.45
N LEU B 420 -3.65 -10.24 15.61
CA LEU B 420 -2.51 -11.08 15.90
C LEU B 420 -1.50 -11.06 14.73
N ARG B 421 -2.00 -11.21 13.52
CA ARG B 421 -1.11 -11.22 12.34
C ARG B 421 -0.36 -9.92 12.25
N LYS B 422 -1.07 -8.82 12.38
CA LYS B 422 -0.40 -7.51 12.32
C LYS B 422 0.56 -7.26 13.49
N SER B 423 0.25 -7.77 14.69
CA SER B 423 1.09 -7.53 15.86
C SER B 423 2.44 -8.23 15.79
N ILE B 424 2.55 -9.31 15.03
CA ILE B 424 3.86 -9.93 14.83
C ILE B 424 4.46 -9.58 13.48
N GLY B 425 3.78 -8.73 12.70
CA GLY B 425 4.27 -8.25 11.40
C GLY B 425 4.32 -9.31 10.30
N ALA B 426 3.48 -10.33 10.39
CA ALA B 426 3.42 -11.36 9.36
C ALA B 426 2.52 -10.95 8.18
N PRO B 427 2.97 -11.17 6.95
CA PRO B 427 2.11 -10.91 5.81
C PRO B 427 1.00 -11.93 5.71
N GLY B 428 -0.14 -11.53 5.17
CA GLY B 428 -1.19 -12.46 4.80
C GLY B 428 -1.14 -12.76 3.30
N MET B 429 -2.21 -13.37 2.82
CA MET B 429 -2.31 -13.80 1.42
C MET B 429 -3.38 -13.04 0.64
N ALA B 430 -3.14 -12.88 -0.64
CA ALA B 430 -4.16 -12.58 -1.59
C ALA B 430 -4.05 -13.59 -2.74
N VAL B 431 -5.19 -14.02 -3.28
CA VAL B 431 -5.25 -15.01 -4.35
C VAL B 431 -6.17 -14.46 -5.45
N LEU B 432 -5.60 -14.14 -6.61
CA LEU B 432 -6.36 -13.49 -7.67
C LEU B 432 -7.57 -14.30 -8.12
N GLN B 433 -7.48 -15.63 -8.07
CA GLN B 433 -8.60 -16.51 -8.43
C GLN B 433 -9.86 -16.30 -7.62
N PHE B 434 -9.73 -15.67 -6.45
CA PHE B 434 -10.86 -15.40 -5.57
C PHE B 434 -11.34 -13.98 -5.67
N ALA B 435 -10.82 -13.22 -6.63
CA ALA B 435 -11.03 -11.78 -6.61
C ALA B 435 -12.31 -11.30 -7.27
N PHE B 436 -13.04 -12.17 -7.95
CA PHE B 436 -14.12 -11.73 -8.84
C PHE B 436 -15.53 -12.09 -8.43
N GLY B 437 -15.70 -12.65 -7.24
CA GLY B 437 -17.00 -12.76 -6.62
C GLY B 437 -17.22 -11.52 -5.80
N GLY B 438 -18.46 -11.23 -5.48
CA GLY B 438 -18.84 -10.05 -4.71
C GLY B 438 -18.42 -8.75 -5.38
N GLY B 439 -18.34 -7.70 -4.59
CA GLY B 439 -18.09 -6.36 -5.11
C GLY B 439 -16.62 -5.95 -5.02
N ALA B 440 -16.44 -4.64 -5.08
CA ALA B 440 -15.15 -4.02 -5.18
C ALA B 440 -14.38 -4.00 -3.87
N ASP B 441 -15.02 -4.44 -2.80
CA ASP B 441 -14.37 -4.57 -1.50
C ASP B 441 -13.72 -5.94 -1.30
N ASN B 442 -13.82 -6.82 -2.30
CA ASN B 442 -13.13 -8.08 -2.26
C ASN B 442 -11.62 -7.86 -2.04
N PRO B 443 -11.06 -8.40 -0.92
CA PRO B 443 -9.66 -8.15 -0.56
C PRO B 443 -8.64 -8.74 -1.50
N HIS B 444 -9.07 -9.64 -2.35
CA HIS B 444 -8.20 -10.22 -3.35
C HIS B 444 -8.03 -9.38 -4.60
N LEU B 445 -8.87 -8.38 -4.81
CA LEU B 445 -8.66 -7.42 -5.92
C LEU B 445 -7.38 -6.56 -5.68
N PRO B 446 -6.56 -6.36 -6.73
CA PRO B 446 -5.29 -5.60 -6.59
C PRO B 446 -5.38 -4.26 -5.87
N HIS B 447 -6.41 -3.48 -6.11
CA HIS B 447 -6.52 -2.18 -5.46
C HIS B 447 -6.79 -2.28 -3.94
N ASN B 448 -7.14 -3.47 -3.46
CA ASN B 448 -7.21 -3.72 -2.02
C ASN B 448 -6.01 -4.43 -1.45
N HIS B 449 -5.00 -4.72 -2.25
CA HIS B 449 -3.81 -5.39 -1.70
C HIS B 449 -3.07 -4.46 -0.77
N GLU B 450 -2.29 -5.06 0.12
CA GLU B 450 -1.39 -4.38 1.03
C GLU B 450 0.04 -4.70 0.63
N VAL B 451 0.98 -3.90 1.11
CA VAL B 451 2.37 -4.12 0.80
C VAL B 451 2.87 -5.37 1.52
N ASN B 452 2.58 -5.48 2.81
CA ASN B 452 3.03 -6.61 3.59
C ASN B 452 2.08 -7.79 3.36
N GLN B 453 2.28 -8.44 2.23
CA GLN B 453 1.36 -9.42 1.73
C GLN B 453 2.04 -10.22 0.63
N VAL B 454 1.60 -11.46 0.49
CA VAL B 454 2.01 -12.31 -0.61
C VAL B 454 0.79 -12.52 -1.52
N VAL B 455 0.92 -12.14 -2.78
CA VAL B 455 -0.12 -12.37 -3.78
C VAL B 455 0.22 -13.58 -4.64
N TYR B 456 -0.78 -14.45 -4.78
CA TYR B 456 -0.73 -15.62 -5.65
C TYR B 456 -1.74 -15.47 -6.78
N SER B 457 -1.44 -16.10 -7.92
CA SER B 457 -2.44 -16.30 -8.94
C SER B 457 -3.39 -17.37 -8.46
N GLY B 458 -2.79 -18.43 -7.92
CA GLY B 458 -3.54 -19.49 -7.23
C GLY B 458 -2.56 -20.30 -6.41
N THR B 459 -3.07 -21.14 -5.52
CA THR B 459 -2.22 -22.08 -4.79
C THR B 459 -2.35 -23.50 -5.35
N HIS B 460 -1.61 -24.40 -4.72
CA HIS B 460 -1.70 -25.83 -5.04
C HIS B 460 -3.10 -26.41 -4.81
N ASP B 461 -3.92 -25.72 -4.02
CA ASP B 461 -5.32 -26.17 -3.79
C ASP B 461 -6.33 -25.71 -4.86
N ASN B 462 -5.89 -24.85 -5.80
CA ASN B 462 -6.75 -24.28 -6.83
C ASN B 462 -6.41 -24.91 -8.17
N ASP B 463 -7.34 -24.83 -9.10
CA ASP B 463 -7.07 -25.24 -10.46
C ASP B 463 -6.00 -24.29 -11.03
N THR B 464 -5.42 -24.67 -12.16
CA THR B 464 -4.59 -23.75 -12.90
C THR B 464 -5.47 -22.58 -13.31
N ILE B 465 -4.85 -21.45 -13.63
CA ILE B 465 -5.63 -20.31 -14.13
C ILE B 465 -6.44 -20.70 -15.37
N ARG B 466 -5.83 -21.44 -16.30
CA ARG B 466 -6.58 -21.88 -17.48
C ARG B 466 -7.76 -22.76 -17.11
N GLY B 467 -7.55 -23.66 -16.16
CA GLY B 467 -8.63 -24.56 -15.74
C GLY B 467 -9.75 -23.80 -15.06
N TRP B 468 -9.34 -22.88 -14.20
CA TRP B 468 -10.24 -21.98 -13.50
C TRP B 468 -11.06 -21.11 -14.45
N TRP B 469 -10.37 -20.53 -15.42
CA TRP B 469 -11.04 -19.70 -16.42
C TRP B 469 -12.18 -20.44 -17.13
N ASP B 470 -11.88 -21.69 -17.44
CA ASP B 470 -12.75 -22.53 -18.23
C ASP B 470 -14.06 -22.88 -17.53
N THR B 471 -14.05 -22.84 -16.21
CA THR B 471 -15.24 -23.20 -15.43
C THR B 471 -15.83 -21.98 -14.78
N LEU B 472 -15.31 -20.81 -15.14
CA LEU B 472 -15.72 -19.60 -14.51
C LEU B 472 -17.10 -19.19 -14.99
N ASP B 473 -17.96 -18.82 -14.06
CA ASP B 473 -19.32 -18.48 -14.45
C ASP B 473 -19.32 -17.06 -15.05
N GLN B 474 -20.23 -16.81 -15.98
CA GLN B 474 -20.24 -15.55 -16.75
C GLN B 474 -20.13 -14.19 -16.01
N GLU B 475 -20.78 -14.03 -14.86
CA GLU B 475 -20.79 -12.74 -14.12
C GLU B 475 -19.41 -12.48 -13.54
N GLU B 476 -18.77 -13.56 -13.10
CA GLU B 476 -17.42 -13.48 -12.62
C GLU B 476 -16.47 -13.23 -13.79
N LYS B 477 -16.72 -13.87 -14.92
CA LYS B 477 -15.83 -13.71 -16.07
C LYS B 477 -15.82 -12.29 -16.69
N SER B 478 -16.99 -11.68 -16.82
CA SER B 478 -17.06 -10.30 -17.30
C SER B 478 -16.45 -9.31 -16.30
N LYS B 479 -16.60 -9.57 -14.99
CA LYS B 479 -15.89 -8.80 -13.96
C LYS B 479 -14.39 -8.84 -14.25
N ALA B 480 -13.86 -10.06 -14.40
CA ALA B 480 -12.44 -10.26 -14.63
C ALA B 480 -11.96 -9.53 -15.87
N MET B 481 -12.74 -9.57 -16.93
CA MET B 481 -12.37 -8.91 -18.19
C MET B 481 -12.18 -7.39 -18.04
N LYS B 482 -12.97 -6.78 -17.16
CA LYS B 482 -12.82 -5.38 -16.80
C LYS B 482 -11.62 -5.05 -15.95
N TYR B 483 -11.23 -5.94 -15.05
CA TYR B 483 -10.08 -5.67 -14.21
C TYR B 483 -8.77 -6.09 -14.87
N LEU B 484 -8.79 -7.16 -15.63
CA LEU B 484 -7.55 -7.72 -16.15
C LEU B 484 -7.33 -7.25 -17.56
N SER B 485 -6.08 -7.26 -17.97
CA SER B 485 -5.71 -7.01 -19.34
C SER B 485 -5.61 -8.37 -20.07
N ILE B 486 -6.63 -8.72 -20.86
CA ILE B 486 -6.69 -10.07 -21.44
C ILE B 486 -6.59 -10.03 -22.93
N ALA B 487 -5.77 -10.90 -23.49
CA ALA B 487 -5.72 -11.11 -24.92
C ALA B 487 -6.49 -12.40 -25.24
N GLY B 488 -5.82 -13.46 -25.72
CA GLY B 488 -6.50 -14.69 -26.09
C GLY B 488 -6.71 -15.54 -24.86
N GLU B 489 -7.72 -16.40 -24.88
CA GLU B 489 -7.95 -17.36 -23.79
C GLU B 489 -6.73 -18.27 -23.58
N ASP B 490 -5.98 -18.54 -24.64
CA ASP B 490 -4.75 -19.34 -24.49
C ASP B 490 -3.80 -18.76 -23.45
N ASP B 491 -3.66 -17.43 -23.42
CA ASP B 491 -2.70 -16.77 -22.53
C ASP B 491 -3.33 -16.17 -21.30
N ILE B 492 -4.51 -16.64 -20.96
CA ILE B 492 -5.18 -16.15 -19.76
C ILE B 492 -4.30 -16.23 -18.52
N SER B 493 -3.46 -17.25 -18.42
CA SER B 493 -2.56 -17.34 -17.26
C SER B 493 -1.55 -16.17 -17.22
N TRP B 494 -1.07 -15.71 -18.36
CA TRP B 494 -0.18 -14.53 -18.35
C TRP B 494 -0.89 -13.24 -17.93
N SER B 495 -2.20 -13.15 -18.19
CA SER B 495 -2.96 -11.98 -17.78
C SER B 495 -3.05 -11.91 -16.29
N VAL B 496 -3.27 -13.07 -15.68
CA VAL B 496 -3.35 -13.12 -14.24
C VAL B 496 -1.96 -12.91 -13.60
N ILE B 497 -0.93 -13.50 -14.21
CA ILE B 497 0.44 -13.30 -13.73
C ILE B 497 0.79 -11.82 -13.71
N GLN B 498 0.45 -11.12 -14.80
CA GLN B 498 0.74 -9.71 -14.90
C GLN B 498 0.06 -8.90 -13.80
N ALA B 499 -1.21 -9.21 -13.54
CA ALA B 499 -1.92 -8.55 -12.45
C ALA B 499 -1.24 -8.81 -11.12
N ALA B 500 -0.83 -10.05 -10.89
CA ALA B 500 -0.11 -10.35 -9.66
C ALA B 500 1.16 -9.50 -9.58
N PHE B 501 1.95 -9.45 -10.63
CA PHE B 501 3.17 -8.71 -10.59
C PHE B 501 2.93 -7.20 -10.42
N SER B 502 1.82 -6.69 -10.94
CA SER B 502 1.57 -5.25 -10.87
C SER B 502 1.10 -4.81 -9.48
N SER B 503 0.80 -5.77 -8.62
CA SER B 503 0.35 -5.46 -7.28
C SER B 503 1.39 -4.72 -6.43
N THR B 504 0.89 -4.01 -5.42
CA THR B 504 1.70 -3.41 -4.40
C THR B 504 2.23 -4.46 -3.41
N ALA B 505 1.67 -5.67 -3.42
CA ALA B 505 2.16 -6.69 -2.54
C ALA B 505 3.63 -6.91 -2.78
N GLN B 506 4.39 -7.08 -1.71
CA GLN B 506 5.83 -7.15 -1.81
C GLN B 506 6.33 -8.43 -2.49
N THR B 507 5.56 -9.49 -2.33
CA THR B 507 5.91 -10.78 -2.88
C THR B 507 4.78 -11.32 -3.77
N ALA B 508 5.11 -11.70 -5.01
CA ALA B 508 4.18 -12.38 -5.92
C ALA B 508 4.69 -13.79 -6.25
N ILE B 509 3.83 -14.78 -6.06
CA ILE B 509 4.18 -16.19 -6.27
C ILE B 509 3.25 -16.82 -7.30
N ILE B 510 3.84 -17.48 -8.29
CA ILE B 510 3.10 -18.11 -9.41
C ILE B 510 3.41 -19.62 -9.45
N PRO B 511 2.39 -20.49 -9.43
CA PRO B 511 2.62 -21.91 -9.68
C PRO B 511 3.25 -22.18 -11.06
N MET B 512 4.12 -23.18 -11.13
CA MET B 512 4.82 -23.49 -12.36
C MET B 512 3.81 -23.87 -13.44
N GLN B 513 2.73 -24.54 -13.04
CA GLN B 513 1.70 -24.89 -14.00
C GLN B 513 1.19 -23.71 -14.81
N ASP B 514 1.06 -22.55 -14.19
CA ASP B 514 0.59 -21.34 -14.85
C ASP B 514 1.66 -20.71 -15.75
N ILE B 515 2.91 -20.74 -15.33
CA ILE B 515 3.98 -20.32 -16.22
C ILE B 515 4.01 -21.15 -17.48
N LEU B 516 3.65 -22.42 -17.36
CA LEU B 516 3.63 -23.33 -18.50
C LEU B 516 2.30 -23.30 -19.24
N GLY B 517 1.35 -22.54 -18.74
CA GLY B 517 0.05 -22.37 -19.39
C GLY B 517 -0.73 -23.66 -19.51
N LEU B 518 -0.74 -24.45 -18.45
CA LEU B 518 -1.39 -25.76 -18.48
C LEU B 518 -2.82 -25.72 -17.97
N GLY B 519 -3.61 -26.71 -18.37
CA GLY B 519 -5.02 -26.82 -18.01
C GLY B 519 -5.25 -27.62 -16.75
N SER B 520 -6.49 -28.00 -16.54
CA SER B 520 -6.96 -28.63 -15.29
C SER B 520 -6.26 -29.92 -14.92
N SER B 521 -5.77 -30.65 -15.89
CA SER B 521 -5.12 -31.92 -15.60
C SER B 521 -3.79 -31.71 -14.86
N ALA B 522 -3.24 -30.49 -14.84
CA ALA B 522 -2.03 -30.21 -14.10
C ALA B 522 -2.31 -29.67 -12.71
N ARG B 523 -3.58 -29.67 -12.30
CA ARG B 523 -3.92 -29.21 -10.97
C ARG B 523 -3.25 -30.11 -9.95
N MET B 524 -2.66 -29.52 -8.91
CA MET B 524 -1.91 -30.31 -7.94
C MET B 524 -2.86 -31.02 -6.99
N ASN B 525 -3.81 -30.31 -6.41
CA ASN B 525 -4.74 -30.91 -5.48
C ASN B 525 -6.14 -30.32 -5.57
N THR B 526 -7.15 -31.17 -5.34
CA THR B 526 -8.55 -30.79 -5.29
C THR B 526 -9.01 -31.14 -3.89
N PRO B 527 -9.26 -30.13 -3.05
CA PRO B 527 -9.56 -30.44 -1.66
C PRO B 527 -10.78 -31.31 -1.48
N ALA B 528 -10.75 -32.10 -0.41
CA ALA B 528 -11.82 -33.06 -0.09
C ALA B 528 -11.93 -34.20 -1.09
N THR B 529 -10.93 -34.43 -1.93
CA THR B 529 -10.86 -35.70 -2.72
C THR B 529 -9.72 -36.58 -2.18
N GLU B 530 -9.91 -37.88 -2.24
CA GLU B 530 -8.97 -38.80 -1.61
C GLU B 530 -8.00 -39.42 -2.63
N VAL B 531 -8.21 -39.18 -3.91
CA VAL B 531 -7.51 -39.91 -4.95
C VAL B 531 -7.11 -38.95 -6.07
N GLY B 532 -5.96 -39.20 -6.68
CA GLY B 532 -5.50 -38.45 -7.84
C GLY B 532 -4.83 -37.10 -7.59
N ASN B 533 -4.36 -36.88 -6.37
CA ASN B 533 -3.70 -35.64 -6.04
C ASN B 533 -2.20 -35.76 -5.89
N TRP B 534 -1.52 -34.61 -5.95
CA TRP B 534 -0.10 -34.53 -5.63
C TRP B 534 0.80 -35.20 -6.65
N GLY B 535 0.23 -35.62 -7.77
CA GLY B 535 0.97 -36.37 -8.79
C GLY B 535 1.64 -35.58 -9.92
N TRP B 536 1.33 -34.31 -10.07
CA TRP B 536 1.80 -33.55 -11.23
C TRP B 536 3.33 -33.47 -11.37
N ARG B 537 3.82 -33.72 -12.58
CA ARG B 537 5.22 -33.53 -12.90
C ARG B 537 5.33 -32.68 -14.13
N ILE B 538 6.39 -31.91 -14.17
CA ILE B 538 6.74 -31.22 -15.37
C ILE B 538 6.79 -32.26 -16.51
N PRO B 539 6.10 -31.98 -17.63
CA PRO B 539 6.16 -32.93 -18.76
C PRO B 539 7.59 -33.23 -19.17
N SER B 540 7.86 -34.48 -19.50
CA SER B 540 9.21 -34.94 -19.79
C SER B 540 9.86 -34.19 -20.94
N SER B 541 9.03 -33.61 -21.80
CA SER B 541 9.47 -32.82 -22.96
C SER B 541 10.00 -31.44 -22.61
N THR B 542 9.41 -30.82 -21.58
CA THR B 542 9.74 -29.47 -21.18
C THR B 542 10.97 -29.45 -20.29
N SER B 543 12.10 -28.99 -20.79
CA SER B 543 13.31 -28.87 -19.97
C SER B 543 13.55 -27.41 -19.69
N PHE B 544 14.36 -27.10 -18.66
CA PHE B 544 14.65 -25.69 -18.32
C PHE B 544 15.48 -24.97 -19.39
N ASP B 545 16.14 -25.72 -20.28
CA ASP B 545 16.73 -25.19 -21.52
C ASP B 545 15.71 -24.76 -22.57
N ASN B 546 14.46 -25.16 -22.39
CA ASN B 546 13.41 -24.95 -23.36
C ASN B 546 12.43 -23.92 -22.92
N LEU B 547 12.80 -23.05 -21.99
CA LEU B 547 11.86 -22.09 -21.49
C LEU B 547 12.45 -20.69 -21.52
N GLU B 548 13.25 -20.42 -22.54
CA GLU B 548 13.82 -19.09 -22.75
C GLU B 548 12.72 -18.04 -22.94
N THR B 549 11.70 -18.37 -23.72
CA THR B 549 10.61 -17.45 -24.01
C THR B 549 9.85 -17.13 -22.75
N GLU B 550 9.61 -18.16 -21.95
CA GLU B 550 8.90 -17.98 -20.71
C GLU B 550 9.76 -17.18 -19.75
N SER B 551 11.07 -17.45 -19.75
CA SER B 551 11.98 -16.73 -18.89
C SER B 551 11.99 -15.25 -19.26
N ASP B 552 12.11 -14.96 -20.55
CA ASP B 552 12.13 -13.58 -21.06
C ASP B 552 10.85 -12.84 -20.72
N ARG B 553 9.74 -13.51 -20.92
CA ARG B 553 8.46 -12.90 -20.69
C ARG B 553 8.29 -12.55 -19.21
N LEU B 554 8.72 -13.45 -18.33
CA LEU B 554 8.72 -13.16 -16.89
C LEU B 554 9.63 -12.03 -16.54
N ARG B 555 10.88 -12.09 -16.99
CA ARG B 555 11.84 -11.04 -16.71
C ARG B 555 11.28 -9.69 -17.15
N ASP B 556 10.68 -9.61 -18.31
CA ASP B 556 10.14 -8.33 -18.79
C ASP B 556 9.09 -7.78 -17.86
N LEU B 557 8.20 -8.64 -17.38
CA LEU B 557 7.19 -8.24 -16.45
C LEU B 557 7.76 -7.85 -15.09
N LEU B 558 8.73 -8.62 -14.59
CA LEU B 558 9.38 -8.26 -13.31
C LEU B 558 10.12 -6.93 -13.44
N SER B 559 10.72 -6.72 -14.60
CA SER B 559 11.40 -5.47 -14.85
C SER B 559 10.43 -4.30 -14.79
N LEU B 560 9.30 -4.47 -15.44
CA LEU B 560 8.32 -3.41 -15.55
C LEU B 560 7.72 -3.03 -14.19
N TYR B 561 7.45 -4.03 -13.37
CA TYR B 561 6.83 -3.80 -12.09
C TYR B 561 7.80 -3.80 -10.91
N GLY B 562 9.07 -3.59 -11.19
CA GLY B 562 10.07 -3.36 -10.16
C GLY B 562 10.35 -4.50 -9.22
N ARG B 563 10.25 -5.74 -9.71
CA ARG B 563 10.49 -6.91 -8.88
C ARG B 563 11.81 -7.60 -9.15
N LEU B 564 12.70 -6.95 -9.90
CA LEU B 564 14.04 -7.46 -10.18
C LEU B 564 15.12 -6.87 -9.27
#